data_3PS0
#
_entry.id   3PS0
#
_cell.length_a   74.642
_cell.length_b   120.876
_cell.length_c   158.056
_cell.angle_alpha   90.00
_cell.angle_beta   90.00
_cell.angle_gamma   90.00
#
_symmetry.space_group_name_H-M   'P 21 21 21'
#
loop_
_entity.id
_entity.type
_entity.pdbx_description
1 polymer 'CRISPR-Associated protein, CSA2'
2 water water
#
_entity_poly.entity_id   1
_entity_poly.type   'polypeptide(L)'
_entity_poly.pdbx_seq_one_letter_code
;MHHHHHHMISGSVRFLVNLESLNGVESIGNLTKHRTAPVVLKTSTGYLVRYVPVISGEALAHAYQASLVDIAKKEGLPVG
SLSSQYEFIKFSTDEALKIEGIKEPKDYNDARRFEVEVMLKDVIADVGGFMYAGGAPVRRTSRIKLGYMIPALRGDEIPA
QLEAQFHVRFSNKPVSGSQAIFNVEVSSALYTFSFELDEDLIAVPSTFGEKVKGEEELERQKAKRVKSAIKALYSLLSGN
FGGKRSRFLPSMKLMSLVVTKTDFPFMPEPAHDDDYIKTTIMRLGKAKGVLNGNLAKAYVINNEGIEVGEGVTVLSTVED
LVVKLEEE
;
_entity_poly.pdbx_strand_id   A,B,C,D
#
# COMPACT_ATOMS: atom_id res chain seq x y z
N HIS A 6 -16.56 -14.39 -7.98
CA HIS A 6 -15.84 -15.34 -8.87
C HIS A 6 -15.66 -16.70 -8.20
N HIS A 7 -15.70 -17.75 -9.01
CA HIS A 7 -15.44 -19.11 -8.54
C HIS A 7 -13.93 -19.36 -8.37
N MET A 8 -13.55 -19.90 -7.22
CA MET A 8 -12.18 -20.33 -6.98
C MET A 8 -12.17 -21.72 -6.37
N ILE A 9 -11.10 -22.47 -6.65
CA ILE A 9 -10.86 -23.76 -6.01
C ILE A 9 -9.66 -23.62 -5.10
N SER A 10 -9.83 -23.96 -3.83
CA SER A 10 -8.76 -23.85 -2.83
C SER A 10 -8.59 -25.17 -2.10
N GLY A 11 -7.42 -25.39 -1.52
CA GLY A 11 -7.13 -26.66 -0.89
C GLY A 11 -5.99 -26.64 0.11
N SER A 12 -6.06 -27.60 1.03
CA SER A 12 -5.00 -27.86 1.98
C SER A 12 -4.76 -29.36 1.97
N VAL A 13 -3.49 -29.73 1.86
CA VAL A 13 -3.09 -31.12 1.61
C VAL A 13 -1.98 -31.54 2.58
N ARG A 14 -2.05 -32.81 3.00
CA ARG A 14 -1.06 -33.41 3.88
C ARG A 14 -0.40 -34.57 3.13
N PHE A 15 0.93 -34.53 3.05
CA PHE A 15 1.73 -35.57 2.42
C PHE A 15 2.73 -36.15 3.41
N LEU A 16 2.98 -37.44 3.30
CA LEU A 16 4.09 -38.08 4.02
C LEU A 16 5.26 -38.08 3.05
N VAL A 17 6.35 -37.40 3.42
CA VAL A 17 7.48 -37.18 2.54
C VAL A 17 8.70 -37.99 2.99
N ASN A 18 9.38 -38.60 2.02
CA ASN A 18 10.60 -39.35 2.28
C ASN A 18 11.77 -38.40 2.51
N LEU A 19 12.37 -38.46 3.70
CA LEU A 19 13.43 -37.51 4.09
C LEU A 19 14.71 -37.67 3.25
N GLU A 20 15.05 -38.90 2.89
CA GLU A 20 16.21 -39.13 2.03
C GLU A 20 16.00 -38.47 0.67
N SER A 21 14.80 -38.63 0.12
CA SER A 21 14.41 -38.03 -1.16
C SER A 21 14.35 -36.50 -1.10
N LEU A 22 13.95 -35.97 0.05
CA LEU A 22 13.93 -34.53 0.29
C LEU A 22 15.35 -33.98 0.42
N ASN A 23 16.14 -34.62 1.28
CA ASN A 23 17.53 -34.22 1.54
C ASN A 23 18.49 -34.92 0.59
N HIS A 34 18.04 -26.99 -1.52
CA HIS A 34 17.78 -27.20 -0.10
C HIS A 34 17.34 -25.92 0.61
N ARG A 35 16.03 -25.66 0.56
CA ARG A 35 15.43 -24.51 1.22
C ARG A 35 15.11 -24.85 2.67
N THR A 36 15.23 -23.86 3.54
CA THR A 36 14.71 -23.98 4.91
C THR A 36 13.88 -22.76 5.26
N ALA A 37 13.01 -22.93 6.26
CA ALA A 37 12.14 -21.85 6.74
C ALA A 37 11.95 -21.98 8.25
N PRO A 38 11.70 -20.85 8.93
CA PRO A 38 11.61 -20.86 10.39
C PRO A 38 10.31 -21.44 10.94
N VAL A 39 10.45 -22.14 12.06
CA VAL A 39 9.34 -22.58 12.90
C VAL A 39 9.61 -22.02 14.29
N VAL A 40 8.56 -21.50 14.92
CA VAL A 40 8.67 -20.88 16.24
C VAL A 40 7.98 -21.73 17.28
N LEU A 41 8.67 -22.00 18.38
CA LEU A 41 8.09 -22.74 19.50
C LEU A 41 8.02 -21.82 20.71
N LYS A 42 6.82 -21.63 21.24
CA LYS A 42 6.65 -20.91 22.51
C LYS A 42 6.92 -21.88 23.66
N THR A 43 7.99 -21.62 24.40
CA THR A 43 8.31 -22.40 25.60
C THR A 43 7.86 -21.67 26.84
N SER A 44 7.99 -22.33 27.99
CA SER A 44 7.67 -21.73 29.29
C SER A 44 8.54 -20.52 29.63
N THR A 45 9.74 -20.47 29.05
CA THR A 45 10.68 -19.37 29.31
C THR A 45 11.06 -18.60 28.02
N GLY A 46 10.12 -18.51 27.09
CA GLY A 46 10.32 -17.70 25.88
C GLY A 46 10.07 -18.45 24.57
N TYR A 47 10.55 -17.85 23.48
CA TYR A 47 10.37 -18.42 22.14
C TYR A 47 11.67 -19.02 21.60
N LEU A 48 11.53 -20.10 20.84
CA LEU A 48 12.66 -20.71 20.14
C LEU A 48 12.37 -20.74 18.65
N VAL A 49 13.29 -20.18 17.85
CA VAL A 49 13.17 -20.18 16.40
C VAL A 49 14.17 -21.16 15.80
N ARG A 50 13.66 -22.12 15.03
CA ARG A 50 14.50 -23.09 14.32
C ARG A 50 14.09 -23.21 12.87
N TYR A 51 15.08 -23.42 12.00
CA TYR A 51 14.84 -23.58 10.58
C TYR A 51 14.78 -25.05 10.21
N VAL A 52 13.77 -25.40 9.39
CA VAL A 52 13.54 -26.77 8.95
C VAL A 52 13.40 -26.84 7.43
N PRO A 53 13.70 -28.01 6.83
CA PRO A 53 13.60 -28.15 5.38
C PRO A 53 12.19 -27.91 4.86
N VAL A 54 12.10 -27.17 3.77
CA VAL A 54 10.83 -26.90 3.12
C VAL A 54 10.98 -27.12 1.62
N ILE A 55 9.85 -27.27 0.95
CA ILE A 55 9.80 -27.29 -0.51
C ILE A 55 9.10 -26.00 -0.93
N SER A 56 9.73 -25.25 -1.82
CA SER A 56 9.21 -23.95 -2.23
C SER A 56 7.98 -24.06 -3.10
N GLY A 57 7.10 -23.07 -3.00
CA GLY A 57 5.97 -22.93 -3.91
C GLY A 57 6.40 -22.84 -5.36
N GLU A 58 7.59 -22.29 -5.60
CA GLU A 58 8.18 -22.23 -6.94
C GLU A 58 8.45 -23.61 -7.53
N ALA A 59 8.98 -24.51 -6.71
CA ALA A 59 9.20 -25.91 -7.09
C ALA A 59 7.88 -26.60 -7.43
N LEU A 60 6.88 -26.41 -6.57
CA LEU A 60 5.54 -26.94 -6.82
C LEU A 60 4.95 -26.36 -8.10
N ALA A 61 5.13 -25.06 -8.31
CA ALA A 61 4.65 -24.38 -9.51
C ALA A 61 5.29 -24.91 -10.79
N HIS A 62 6.57 -25.24 -10.72
CA HIS A 62 7.28 -25.83 -11.86
CA HIS A 62 7.24 -25.81 -11.88
C HIS A 62 6.70 -27.19 -12.22
N ALA A 63 6.43 -28.00 -11.20
CA ALA A 63 5.79 -29.30 -11.39
C ALA A 63 4.39 -29.15 -11.99
N TYR A 64 3.61 -28.22 -11.42
CA TYR A 64 2.27 -27.92 -11.92
C TYR A 64 2.30 -27.48 -13.38
N GLN A 65 3.21 -26.55 -13.69
CA GLN A 65 3.27 -25.99 -15.04
C GLN A 65 3.76 -27.02 -16.05
N ALA A 66 4.70 -27.87 -15.65
CA ALA A 66 5.16 -28.97 -16.51
C ALA A 66 4.04 -29.95 -16.83
N SER A 67 3.23 -30.27 -15.82
CA SER A 67 2.06 -31.12 -16.01
C SER A 67 1.03 -30.48 -16.94
N LEU A 68 0.83 -29.16 -16.81
CA LEU A 68 -0.13 -28.45 -17.65
C LEU A 68 0.34 -28.44 -19.11
N VAL A 69 1.65 -28.30 -19.31
CA VAL A 69 2.25 -28.40 -20.65
C VAL A 69 1.92 -29.74 -21.30
N ASP A 70 2.06 -30.82 -20.54
CA ASP A 70 1.77 -32.17 -21.03
C ASP A 70 0.29 -32.33 -21.35
N ILE A 71 -0.58 -31.84 -20.47
CA ILE A 71 -2.02 -31.87 -20.72
C ILE A 71 -2.40 -31.07 -21.98
N ALA A 72 -1.90 -29.84 -22.04
CA ALA A 72 -2.18 -28.93 -23.16
C ALA A 72 -1.76 -29.52 -24.50
N LYS A 73 -0.59 -30.13 -24.54
CA LYS A 73 -0.09 -30.78 -25.77
C LYS A 73 -0.95 -31.97 -26.16
N LYS A 74 -1.40 -32.73 -25.17
CA LYS A 74 -2.29 -33.88 -25.38
C LYS A 74 -3.64 -33.41 -25.92
N GLU A 75 -4.10 -32.27 -25.41
CA GLU A 75 -5.44 -31.76 -25.68
C GLU A 75 -5.51 -30.73 -26.82
N GLY A 76 -4.36 -30.36 -27.37
CA GLY A 76 -4.28 -29.42 -28.49
C GLY A 76 -4.41 -27.95 -28.15
N LEU A 77 -4.17 -27.59 -26.88
CA LEU A 77 -4.16 -26.19 -26.46
C LEU A 77 -2.80 -25.57 -26.76
N PRO A 78 -2.76 -24.26 -27.03
CA PRO A 78 -1.50 -23.63 -27.37
C PRO A 78 -0.52 -23.59 -26.19
N VAL A 79 0.73 -23.95 -26.48
CA VAL A 79 1.83 -23.83 -25.54
C VAL A 79 2.95 -23.12 -26.28
N GLY A 80 3.58 -22.17 -25.60
CA GLY A 80 4.62 -21.35 -26.20
C GLY A 80 5.89 -22.12 -26.47
N SER A 81 6.82 -21.48 -27.17
CA SER A 81 8.10 -22.10 -27.55
C SER A 81 8.90 -22.56 -26.34
N LEU A 82 9.15 -21.65 -25.40
CA LEU A 82 9.95 -21.95 -24.22
C LEU A 82 9.21 -22.84 -23.21
N SER A 83 7.92 -22.56 -22.99
CA SER A 83 7.11 -23.38 -22.08
C SER A 83 7.02 -24.84 -22.54
N SER A 84 6.95 -25.07 -23.84
CA SER A 84 6.93 -26.43 -24.40
C SER A 84 8.16 -27.26 -24.01
N GLN A 85 9.25 -26.56 -23.73
CA GLN A 85 10.50 -27.17 -23.28
C GLN A 85 10.66 -27.08 -21.75
N TYR A 86 9.55 -26.85 -21.06
CA TYR A 86 9.54 -26.71 -19.59
C TYR A 86 10.49 -25.64 -19.11
N GLU A 87 10.65 -24.59 -19.90
CA GLU A 87 11.48 -23.45 -19.56
C GLU A 87 10.54 -22.28 -19.39
N PHE A 88 10.19 -21.99 -18.15
CA PHE A 88 9.14 -21.03 -17.87
C PHE A 88 9.66 -19.61 -17.65
N ILE A 89 10.52 -19.17 -18.56
CA ILE A 89 10.92 -17.77 -18.66
C ILE A 89 9.67 -16.92 -18.90
N LYS A 90 8.75 -17.43 -19.72
CA LYS A 90 7.42 -16.85 -19.88
C LYS A 90 7.44 -15.36 -20.21
N PHE A 91 7.99 -15.05 -21.39
CA PHE A 91 7.83 -13.71 -21.99
C PHE A 91 8.33 -12.59 -21.08
N SER A 92 9.36 -12.86 -20.29
CA SER A 92 9.78 -11.95 -19.22
C SER A 92 10.80 -10.91 -19.70
N THR A 93 11.37 -11.16 -20.88
CA THR A 93 12.42 -10.30 -21.45
C THR A 93 12.28 -10.23 -22.96
N ASP A 94 12.95 -9.25 -23.55
CA ASP A 94 12.94 -9.03 -25.00
C ASP A 94 13.45 -10.23 -25.80
N GLU A 95 14.43 -10.95 -25.24
CA GLU A 95 14.96 -12.15 -25.88
C GLU A 95 13.87 -13.21 -25.97
N ALA A 96 13.12 -13.37 -24.89
CA ALA A 96 11.99 -14.29 -24.86
C ALA A 96 10.95 -13.90 -25.91
N LEU A 97 10.61 -12.62 -25.96
CA LEU A 97 9.60 -12.12 -26.91
C LEU A 97 10.01 -12.38 -28.36
N LYS A 98 11.29 -12.17 -28.66
CA LYS A 98 11.85 -12.44 -29.99
C LYS A 98 11.72 -13.93 -30.33
N ILE A 99 12.09 -14.79 -29.39
CA ILE A 99 11.95 -16.22 -29.57
C ILE A 99 10.48 -16.59 -29.84
N GLU A 100 9.57 -15.98 -29.09
CA GLU A 100 8.14 -16.29 -29.17
C GLU A 100 7.42 -15.62 -30.33
N GLY A 101 8.05 -14.63 -30.95
CA GLY A 101 7.47 -13.90 -32.10
C GLY A 101 6.41 -12.88 -31.70
N ILE A 102 6.56 -12.31 -30.51
CA ILE A 102 5.59 -11.34 -30.01
C ILE A 102 6.28 -9.99 -29.84
N LYS A 103 5.65 -8.95 -30.37
CA LYS A 103 6.17 -7.59 -30.23
C LYS A 103 5.85 -7.03 -28.85
N GLU A 104 6.81 -6.32 -28.26
CA GLU A 104 6.62 -5.71 -26.95
C GLU A 104 5.50 -4.67 -26.98
N PRO A 105 4.92 -4.34 -25.81
CA PRO A 105 3.95 -3.27 -25.78
C PRO A 105 4.58 -1.94 -26.21
N LYS A 106 3.95 -1.26 -27.16
CA LYS A 106 4.49 -0.02 -27.71
C LYS A 106 4.15 1.18 -26.83
N ASP A 107 3.06 1.06 -26.07
CA ASP A 107 2.67 2.04 -25.07
C ASP A 107 1.75 1.37 -24.04
N TYR A 108 1.34 2.13 -23.03
CA TYR A 108 0.44 1.59 -22.00
C TYR A 108 -0.88 1.09 -22.57
N ASN A 109 -1.34 1.71 -23.65
CA ASN A 109 -2.58 1.29 -24.32
C ASN A 109 -2.45 -0.01 -25.12
N ASP A 110 -1.21 -0.43 -25.36
CA ASP A 110 -0.91 -1.67 -26.10
C ASP A 110 -0.76 -2.87 -25.17
N ALA A 111 -0.87 -2.61 -23.86
CA ALA A 111 -0.68 -3.63 -22.83
C ALA A 111 -1.68 -4.77 -22.95
N ARG A 112 -2.93 -4.45 -23.25
CA ARG A 112 -3.97 -5.48 -23.39
C ARG A 112 -3.75 -6.33 -24.65
N ARG A 113 -3.47 -5.70 -25.78
CA ARG A 113 -3.10 -6.45 -26.99
C ARG A 113 -1.98 -7.46 -26.66
N PHE A 114 -0.93 -6.97 -26.01
CA PHE A 114 0.23 -7.78 -25.66
C PHE A 114 -0.15 -8.95 -24.76
N GLU A 115 -0.88 -8.66 -23.68
CA GLU A 115 -1.26 -9.71 -22.75
C GLU A 115 -2.10 -10.79 -23.44
N VAL A 116 -3.06 -10.37 -24.25
CA VAL A 116 -3.95 -11.33 -24.93
C VAL A 116 -3.14 -12.19 -25.91
N GLU A 117 -2.22 -11.56 -26.63
CA GLU A 117 -1.37 -12.28 -27.60
C GLU A 117 -0.51 -13.34 -26.91
N VAL A 118 0.07 -12.96 -25.77
CA VAL A 118 0.84 -13.88 -24.94
C VAL A 118 -0.03 -15.04 -24.46
N MET A 119 -1.22 -14.70 -23.95
CA MET A 119 -2.17 -15.72 -23.49
C MET A 119 -2.57 -16.68 -24.61
N LEU A 120 -2.79 -16.15 -25.80
CA LEU A 120 -3.17 -16.97 -26.95
C LEU A 120 -2.04 -17.90 -27.41
N LYS A 121 -0.80 -17.43 -27.25
CA LYS A 121 0.40 -18.20 -27.60
C LYS A 121 0.71 -19.31 -26.59
N ASP A 122 0.40 -19.07 -25.32
CA ASP A 122 0.87 -19.95 -24.25
C ASP A 122 -0.11 -20.03 -23.10
N VAL A 123 -0.79 -21.17 -22.98
CA VAL A 123 -1.72 -21.37 -21.87
C VAL A 123 -1.00 -21.33 -20.50
N ILE A 124 0.29 -21.61 -20.49
CA ILE A 124 1.06 -21.58 -19.23
C ILE A 124 1.19 -20.14 -18.71
N ALA A 125 1.39 -19.19 -19.62
CA ALA A 125 1.44 -17.76 -19.29
C ALA A 125 0.07 -17.23 -18.89
N ASP A 126 -0.99 -17.81 -19.47
CA ASP A 126 -2.35 -17.52 -19.06
C ASP A 126 -2.59 -17.97 -17.61
N VAL A 127 -2.53 -19.28 -17.40
CA VAL A 127 -2.85 -19.87 -16.10
C VAL A 127 -1.79 -19.52 -15.05
N GLY A 128 -0.52 -19.61 -15.43
CA GLY A 128 0.59 -19.40 -14.49
C GLY A 128 1.04 -17.96 -14.36
N GLY A 129 0.45 -17.09 -15.18
CA GLY A 129 0.82 -15.68 -15.19
C GLY A 129 2.17 -15.47 -15.84
N PHE A 130 2.55 -14.20 -15.94
CA PHE A 130 3.86 -13.81 -16.43
C PHE A 130 4.14 -12.38 -16.03
N MET A 131 5.37 -11.94 -16.23
CA MET A 131 5.72 -10.54 -16.01
C MET A 131 6.77 -10.11 -17.00
N TYR A 132 6.41 -9.16 -17.85
CA TYR A 132 7.33 -8.55 -18.78
C TYR A 132 7.80 -7.22 -18.23
N ALA A 133 9.10 -7.13 -17.99
CA ALA A 133 9.75 -5.87 -17.64
C ALA A 133 10.19 -5.20 -18.94
N GLY A 134 9.94 -3.91 -19.05
CA GLY A 134 10.28 -3.17 -20.25
C GLY A 134 9.76 -1.74 -20.21
N GLY A 135 9.78 -1.06 -21.34
CA GLY A 135 9.31 0.31 -21.45
C GLY A 135 7.91 0.48 -20.89
N ALA A 136 6.99 -0.35 -21.37
CA ALA A 136 5.65 -0.45 -20.84
C ALA A 136 5.49 -1.84 -20.22
N PRO A 137 5.77 -1.97 -18.91
CA PRO A 137 5.72 -3.29 -18.28
C PRO A 137 4.30 -3.84 -18.16
N VAL A 138 4.19 -5.16 -18.34
CA VAL A 138 2.92 -5.86 -18.17
C VAL A 138 3.09 -7.03 -17.24
N ARG A 139 2.26 -7.09 -16.19
CA ARG A 139 2.31 -8.17 -15.21
C ARG A 139 0.97 -8.86 -15.15
N ARG A 140 0.97 -10.17 -15.39
CA ARG A 140 -0.22 -10.99 -15.20
C ARG A 140 0.01 -11.89 -14.01
N THR A 141 -0.74 -11.67 -12.95
CA THR A 141 -0.61 -12.49 -11.74
C THR A 141 -1.09 -13.91 -12.04
N SER A 142 -0.48 -14.88 -11.39
CA SER A 142 -0.82 -16.28 -11.57
C SER A 142 -2.23 -16.56 -11.08
N ARG A 143 -2.96 -17.34 -11.86
CA ARG A 143 -4.26 -17.85 -11.43
C ARG A 143 -4.10 -19.07 -10.54
N ILE A 144 -2.93 -19.71 -10.59
CA ILE A 144 -2.60 -20.83 -9.70
C ILE A 144 -1.61 -20.36 -8.65
N LYS A 145 -2.04 -20.42 -7.39
CA LYS A 145 -1.24 -19.89 -6.28
C LYS A 145 -0.90 -21.04 -5.37
N LEU A 146 0.40 -21.31 -5.24
CA LEU A 146 0.89 -22.47 -4.49
C LEU A 146 1.73 -22.01 -3.32
N GLY A 147 1.38 -22.48 -2.13
CA GLY A 147 2.11 -22.14 -0.93
C GLY A 147 3.36 -23.01 -0.75
N TYR A 148 4.21 -22.59 0.17
CA TYR A 148 5.34 -23.42 0.56
C TYR A 148 4.87 -24.72 1.19
N MET A 149 5.61 -25.78 0.92
CA MET A 149 5.34 -27.06 1.54
C MET A 149 6.26 -27.22 2.74
N ILE A 150 5.67 -27.25 3.93
CA ILE A 150 6.43 -27.25 5.18
C ILE A 150 5.98 -28.38 6.10
N PRO A 151 6.80 -28.72 7.11
CA PRO A 151 6.43 -29.81 8.03
C PRO A 151 5.07 -29.61 8.69
N ALA A 152 4.26 -30.67 8.68
CA ALA A 152 2.95 -30.66 9.31
C ALA A 152 3.09 -30.83 10.83
N LEU A 153 2.68 -29.81 11.56
CA LEU A 153 2.87 -29.75 13.00
C LEU A 153 1.64 -30.32 13.70
N ARG A 154 1.57 -31.64 13.70
CA ARG A 154 0.43 -32.38 14.25
C ARG A 154 0.79 -33.10 15.55
N GLY A 155 -0.23 -33.44 16.33
CA GLY A 155 -0.07 -34.36 17.45
C GLY A 155 0.38 -33.74 18.75
N ASP A 156 0.75 -34.61 19.68
CA ASP A 156 1.00 -34.24 21.07
C ASP A 156 2.48 -34.09 21.43
N GLU A 157 3.37 -34.22 20.43
CA GLU A 157 4.82 -34.18 20.70
C GLU A 157 5.57 -33.47 19.56
N ILE A 158 5.06 -32.30 19.20
CA ILE A 158 5.51 -31.60 17.98
C ILE A 158 7.02 -31.35 17.94
N PRO A 159 7.59 -30.73 19.00
CA PRO A 159 9.03 -30.45 18.99
C PRO A 159 9.92 -31.69 18.95
N ALA A 160 9.51 -32.78 19.61
CA ALA A 160 10.26 -34.04 19.58
C ALA A 160 10.26 -34.65 18.19
N GLN A 161 9.11 -34.57 17.52
CA GLN A 161 9.00 -35.08 16.17
C GLN A 161 9.92 -34.31 15.21
N LEU A 162 9.99 -32.99 15.38
CA LEU A 162 10.88 -32.16 14.57
C LEU A 162 12.34 -32.54 14.77
N GLU A 163 12.73 -32.76 16.03
CA GLU A 163 14.08 -33.20 16.35
C GLU A 163 14.40 -34.58 15.80
N ALA A 164 13.39 -35.45 15.75
CA ALA A 164 13.56 -36.82 15.25
C ALA A 164 13.78 -36.84 13.75
N GLN A 165 13.24 -35.82 13.07
CA GLN A 165 13.22 -35.74 11.60
C GLN A 165 14.35 -34.89 11.03
N PHE A 166 14.72 -33.83 11.75
CA PHE A 166 15.66 -32.83 11.25
C PHE A 166 16.78 -32.56 12.25
N HIS A 167 17.88 -31.98 11.76
CA HIS A 167 18.98 -31.59 12.63
C HIS A 167 18.69 -30.23 13.28
N VAL A 168 17.73 -30.26 14.21
CA VAL A 168 17.38 -29.11 15.01
C VAL A 168 17.24 -29.56 16.46
N ARG A 169 17.52 -28.64 17.38
CA ARG A 169 17.39 -28.89 18.81
C ARG A 169 16.69 -27.70 19.44
N PHE A 170 15.63 -27.97 20.20
CA PHE A 170 14.84 -26.91 20.84
C PHE A 170 15.29 -26.67 22.28
N SER A 171 16.55 -26.25 22.43
CA SER A 171 17.12 -25.92 23.72
C SER A 171 18.16 -24.81 23.60
N ALA A 180 29.33 -35.29 19.66
CA ALA A 180 29.19 -36.12 18.46
C ALA A 180 27.80 -35.96 17.85
N ILE A 181 27.76 -35.84 16.51
CA ILE A 181 26.50 -35.62 15.78
C ILE A 181 26.16 -36.83 14.90
N PHE A 182 24.98 -37.41 15.16
CA PHE A 182 24.50 -38.61 14.47
C PHE A 182 23.40 -38.31 13.44
N ASN A 183 23.02 -39.34 12.68
CA ASN A 183 21.89 -39.28 11.74
C ASN A 183 20.58 -39.02 12.47
N VAL A 184 19.61 -38.43 11.77
CA VAL A 184 18.28 -38.23 12.34
C VAL A 184 17.63 -39.59 12.61
N GLU A 185 16.67 -39.62 13.53
CA GLU A 185 16.03 -40.87 13.96
C GLU A 185 15.14 -41.51 12.89
N VAL A 186 14.19 -40.73 12.36
CA VAL A 186 13.15 -41.26 11.47
C VAL A 186 13.43 -40.99 9.97
N SER A 187 12.68 -41.69 9.12
CA SER A 187 12.92 -41.70 7.67
C SER A 187 11.89 -40.90 6.85
N SER A 188 10.78 -40.55 7.48
CA SER A 188 9.74 -39.80 6.82
C SER A 188 9.21 -38.72 7.72
N ALA A 189 8.53 -37.76 7.10
CA ALA A 189 7.90 -36.66 7.82
C ALA A 189 6.63 -36.23 7.09
N LEU A 190 5.63 -35.86 7.87
CA LEU A 190 4.43 -35.27 7.32
C LEU A 190 4.68 -33.83 6.94
N TYR A 191 4.24 -33.46 5.73
CA TYR A 191 4.35 -32.10 5.20
C TYR A 191 2.98 -31.62 4.77
N THR A 192 2.80 -30.31 4.74
CA THR A 192 1.57 -29.72 4.23
C THR A 192 1.85 -28.51 3.32
N PHE A 193 0.97 -28.34 2.34
CA PHE A 193 0.87 -27.08 1.61
C PHE A 193 -0.59 -26.80 1.27
N SER A 194 -0.84 -25.56 0.88
CA SER A 194 -2.17 -25.13 0.47
C SER A 194 -2.06 -24.46 -0.90
N PHE A 195 -3.19 -24.37 -1.60
CA PHE A 195 -3.22 -23.80 -2.94
C PHE A 195 -4.53 -23.10 -3.23
N GLU A 196 -4.50 -22.21 -4.22
CA GLU A 196 -5.69 -21.51 -4.71
C GLU A 196 -5.60 -21.48 -6.24
N LEU A 197 -6.68 -21.89 -6.90
CA LEU A 197 -6.80 -21.79 -8.36
C LEU A 197 -7.99 -20.90 -8.66
N ASP A 198 -7.71 -19.72 -9.22
CA ASP A 198 -8.75 -18.76 -9.57
C ASP A 198 -9.29 -19.09 -10.95
N GLU A 199 -10.08 -20.17 -11.00
CA GLU A 199 -10.49 -20.79 -12.26
C GLU A 199 -11.28 -19.86 -13.18
N ASP A 200 -12.10 -19.00 -12.59
CA ASP A 200 -12.91 -18.02 -13.35
C ASP A 200 -12.10 -16.88 -13.96
N LEU A 201 -10.85 -16.71 -13.53
CA LEU A 201 -9.97 -15.70 -14.12
C LEU A 201 -9.03 -16.27 -15.18
N ILE A 202 -9.07 -17.58 -15.39
CA ILE A 202 -8.31 -18.22 -16.47
C ILE A 202 -8.86 -17.73 -17.82
N ALA A 203 -7.96 -17.37 -18.73
CA ALA A 203 -8.30 -16.87 -20.08
C ALA A 203 -9.00 -15.50 -20.07
N VAL A 204 -8.99 -14.83 -18.93
CA VAL A 204 -9.57 -13.50 -18.78
C VAL A 204 -8.42 -12.51 -18.67
N PRO A 205 -8.32 -11.53 -19.60
CA PRO A 205 -7.24 -10.55 -19.50
C PRO A 205 -7.27 -9.74 -18.20
N SER A 206 -6.10 -9.33 -17.72
CA SER A 206 -5.96 -8.59 -16.45
C SER A 206 -5.55 -7.12 -16.64
N THR A 207 -5.05 -6.78 -17.82
CA THR A 207 -4.54 -5.45 -18.09
C THR A 207 -5.67 -4.52 -18.47
N PHE A 208 -5.54 -3.25 -18.12
CA PHE A 208 -6.55 -2.26 -18.50
C PHE A 208 -6.44 -1.96 -19.99
N GLY A 209 -7.59 -1.78 -20.64
CA GLY A 209 -7.65 -1.44 -22.06
C GLY A 209 -8.99 -1.78 -22.69
N GLU A 210 -9.22 -1.23 -23.88
CA GLU A 210 -10.42 -1.56 -24.64
C GLU A 210 -10.27 -2.99 -25.19
N LYS A 211 -11.40 -3.64 -25.43
CA LYS A 211 -11.42 -5.01 -25.95
C LYS A 211 -10.57 -5.14 -27.21
N VAL A 212 -9.75 -6.20 -27.28
CA VAL A 212 -9.02 -6.56 -28.50
C VAL A 212 -9.60 -7.84 -29.11
N LYS A 213 -9.43 -8.00 -30.41
CA LYS A 213 -10.09 -9.09 -31.15
C LYS A 213 -9.78 -10.49 -30.59
N GLY A 214 -8.51 -10.71 -30.22
CA GLY A 214 -8.07 -12.00 -29.68
C GLY A 214 -8.88 -12.49 -28.48
N GLU A 215 -9.55 -11.55 -27.80
CA GLU A 215 -10.38 -11.90 -26.65
C GLU A 215 -11.55 -12.82 -27.05
N GLU A 216 -12.04 -12.70 -28.28
CA GLU A 216 -13.07 -13.62 -28.78
C GLU A 216 -12.58 -15.06 -28.78
N GLU A 217 -11.32 -15.25 -29.17
CA GLU A 217 -10.71 -16.58 -29.22
C GLU A 217 -10.41 -17.11 -27.82
N LEU A 218 -9.93 -16.24 -26.92
CA LEU A 218 -9.77 -16.63 -25.51
C LEU A 218 -11.08 -17.15 -24.93
N GLU A 219 -12.17 -16.45 -25.21
CA GLU A 219 -13.50 -16.86 -24.74
C GLU A 219 -13.86 -18.26 -25.24
N ARG A 220 -13.57 -18.53 -26.51
CA ARG A 220 -13.81 -19.86 -27.09
C ARG A 220 -12.97 -20.95 -26.46
N GLN A 221 -11.74 -20.61 -26.06
CA GLN A 221 -10.82 -21.58 -25.46
C GLN A 221 -10.95 -21.71 -23.94
N LYS A 222 -11.72 -20.82 -23.32
CA LYS A 222 -11.76 -20.70 -21.85
C LYS A 222 -12.15 -22.00 -21.14
N ALA A 223 -13.23 -22.63 -21.59
CA ALA A 223 -13.71 -23.87 -20.96
C ALA A 223 -12.62 -24.94 -20.93
N LYS A 224 -11.97 -25.12 -22.07
CA LYS A 224 -10.88 -26.10 -22.20
C LYS A 224 -9.66 -25.73 -21.37
N ARG A 225 -9.32 -24.45 -21.33
CA ARG A 225 -8.20 -23.96 -20.52
C ARG A 225 -8.45 -24.18 -19.03
N VAL A 226 -9.68 -23.92 -18.58
CA VAL A 226 -10.06 -24.15 -17.19
C VAL A 226 -9.96 -25.65 -16.84
N LYS A 227 -10.52 -26.50 -17.69
CA LYS A 227 -10.48 -27.95 -17.50
C LYS A 227 -9.05 -28.47 -17.39
N SER A 228 -8.18 -27.99 -18.27
CA SER A 228 -6.77 -28.37 -18.29
C SER A 228 -6.03 -27.93 -17.03
N ALA A 229 -6.33 -26.72 -16.55
CA ALA A 229 -5.74 -26.21 -15.31
C ALA A 229 -6.15 -27.05 -14.09
N ILE A 230 -7.41 -27.47 -14.07
CA ILE A 230 -7.94 -28.34 -13.02
C ILE A 230 -7.29 -29.73 -13.09
N LYS A 231 -7.16 -30.26 -14.31
CA LYS A 231 -6.49 -31.54 -14.54
C LYS A 231 -5.02 -31.55 -14.12
N ALA A 232 -4.34 -30.42 -14.33
CA ALA A 232 -2.94 -30.26 -13.92
C ALA A 232 -2.74 -30.38 -12.40
N LEU A 233 -3.80 -30.18 -11.63
CA LEU A 233 -3.75 -30.37 -10.18
C LEU A 233 -3.43 -31.82 -9.79
N TYR A 234 -3.82 -32.77 -10.63
CA TYR A 234 -3.61 -34.20 -10.34
C TYR A 234 -2.19 -34.51 -9.87
N SER A 235 -1.19 -34.06 -10.62
CA SER A 235 0.21 -34.39 -10.28
C SER A 235 0.74 -33.73 -8.99
N LEU A 236 0.19 -32.58 -8.62
CA LEU A 236 0.53 -31.97 -7.32
C LEU A 236 -0.14 -32.69 -6.16
N LEU A 237 -1.37 -33.14 -6.38
CA LEU A 237 -2.22 -33.66 -5.32
C LEU A 237 -2.10 -35.18 -5.10
N SER A 238 -1.61 -35.89 -6.11
CA SER A 238 -1.53 -37.35 -6.08
C SER A 238 -0.24 -37.87 -5.44
N GLY A 239 0.80 -37.03 -5.44
CA GLY A 239 2.09 -37.42 -4.90
C GLY A 239 2.80 -38.46 -5.73
N PHE A 248 11.19 -32.95 -10.09
CA PHE A 248 11.18 -31.67 -9.37
C PHE A 248 10.90 -31.81 -7.87
N LEU A 249 10.11 -32.82 -7.50
CA LEU A 249 9.63 -32.98 -6.13
C LEU A 249 10.07 -34.32 -5.52
N PRO A 250 10.20 -34.37 -4.17
CA PRO A 250 10.62 -35.61 -3.53
C PRO A 250 9.51 -36.64 -3.52
N SER A 251 9.88 -37.87 -3.18
CA SER A 251 8.91 -38.94 -3.04
C SER A 251 7.98 -38.64 -1.89
N MET A 252 6.68 -38.75 -2.15
CA MET A 252 5.68 -38.46 -1.13
C MET A 252 4.37 -39.20 -1.39
N LYS A 253 3.61 -39.38 -0.33
CA LYS A 253 2.40 -40.18 -0.31
C LYS A 253 1.28 -39.30 0.22
N LEU A 254 0.17 -39.24 -0.51
CA LEU A 254 -0.99 -38.45 -0.08
C LEU A 254 -1.63 -39.06 1.17
N MET A 255 -1.68 -38.27 2.25
CA MET A 255 -2.29 -38.73 3.49
C MET A 255 -3.74 -38.27 3.59
N SER A 256 -3.96 -36.97 3.38
CA SER A 256 -5.30 -36.41 3.30
C SER A 256 -5.33 -35.01 2.69
N LEU A 257 -6.52 -34.58 2.30
CA LEU A 257 -6.74 -33.22 1.83
C LEU A 257 -8.19 -32.78 1.98
N VAL A 258 -8.38 -31.46 2.00
CA VAL A 258 -9.70 -30.86 1.83
C VAL A 258 -9.57 -29.78 0.76
N VAL A 259 -10.43 -29.86 -0.26
CA VAL A 259 -10.40 -28.91 -1.37
C VAL A 259 -11.80 -28.29 -1.48
N THR A 260 -11.86 -26.96 -1.50
CA THR A 260 -13.12 -26.22 -1.54
C THR A 260 -13.37 -25.53 -2.87
N LYS A 261 -14.65 -25.39 -3.21
CA LYS A 261 -15.09 -24.61 -4.36
C LYS A 261 -16.05 -23.55 -3.87
N THR A 262 -15.65 -22.28 -4.00
CA THR A 262 -16.45 -21.17 -3.50
C THR A 262 -16.63 -20.09 -4.55
N ASP A 263 -17.73 -19.33 -4.43
CA ASP A 263 -17.92 -18.10 -5.22
C ASP A 263 -17.59 -16.86 -4.37
N PHE A 264 -16.62 -17.04 -3.50
CA PHE A 264 -16.07 -15.98 -2.66
C PHE A 264 -14.67 -16.43 -2.25
N PRO A 265 -13.77 -15.47 -1.93
CA PRO A 265 -12.46 -15.85 -1.43
C PRO A 265 -12.52 -16.74 -0.17
N PHE A 266 -11.89 -17.91 -0.27
CA PHE A 266 -11.79 -18.83 0.87
C PHE A 266 -10.55 -19.71 0.77
N MET A 267 -9.86 -19.84 1.90
CA MET A 267 -8.69 -20.72 2.02
C MET A 267 -8.92 -21.68 3.19
N PRO A 268 -8.96 -22.99 2.92
CA PRO A 268 -9.04 -23.99 3.99
C PRO A 268 -7.91 -23.90 5.02
N GLU A 269 -8.14 -24.52 6.18
CA GLU A 269 -7.15 -24.55 7.26
C GLU A 269 -5.90 -25.27 6.81
N PRO A 270 -4.73 -24.76 7.21
CA PRO A 270 -3.49 -25.49 6.97
C PRO A 270 -3.59 -26.84 7.67
N ALA A 271 -2.95 -27.86 7.10
CA ALA A 271 -3.10 -29.22 7.59
C ALA A 271 -2.15 -29.54 8.74
N HIS A 272 -2.03 -28.64 9.70
CA HIS A 272 -1.17 -28.88 10.87
C HIS A 272 -1.93 -29.67 11.93
N ASP A 273 -3.02 -29.10 12.45
CA ASP A 273 -3.88 -29.81 13.39
C ASP A 273 -4.67 -30.91 12.69
N ASP A 274 -4.88 -32.03 13.39
CA ASP A 274 -5.66 -33.15 12.87
C ASP A 274 -7.14 -32.80 12.61
N ASP A 275 -7.62 -31.73 13.25
CA ASP A 275 -9.00 -31.27 13.07
C ASP A 275 -9.11 -30.20 11.96
N TYR A 276 -8.12 -30.13 11.08
CA TYR A 276 -8.08 -29.06 10.05
C TYR A 276 -9.20 -29.17 9.03
N ILE A 277 -9.65 -30.39 8.76
CA ILE A 277 -10.78 -30.59 7.86
C ILE A 277 -12.09 -30.17 8.55
N LYS A 278 -12.26 -30.57 9.81
CA LYS A 278 -13.44 -30.18 10.58
C LYS A 278 -13.52 -28.66 10.71
N THR A 279 -12.40 -28.04 11.10
CA THR A 279 -12.31 -26.59 11.26
C THR A 279 -12.55 -25.82 9.95
N THR A 280 -12.05 -26.38 8.84
CA THR A 280 -12.28 -25.80 7.51
C THR A 280 -13.77 -25.65 7.19
N ILE A 281 -14.54 -26.71 7.44
CA ILE A 281 -15.99 -26.68 7.18
C ILE A 281 -16.71 -25.65 8.07
N MET A 282 -16.28 -25.54 9.32
CA MET A 282 -16.83 -24.53 10.22
C MET A 282 -16.66 -23.13 9.63
N ARG A 283 -15.42 -22.78 9.31
CA ARG A 283 -15.11 -21.46 8.74
C ARG A 283 -15.77 -21.24 7.38
N LEU A 284 -15.86 -22.31 6.59
CA LEU A 284 -16.51 -22.26 5.28
C LEU A 284 -17.94 -21.73 5.40
N GLY A 285 -18.71 -22.34 6.30
CA GLY A 285 -20.10 -21.93 6.56
C GLY A 285 -20.21 -20.48 7.00
N LYS A 286 -19.33 -20.08 7.93
CA LYS A 286 -19.30 -18.71 8.46
C LYS A 286 -18.94 -17.68 7.37
N ALA A 287 -17.89 -17.97 6.61
CA ALA A 287 -17.44 -17.08 5.52
C ALA A 287 -18.50 -16.93 4.43
N LYS A 288 -19.16 -18.03 4.07
CA LYS A 288 -20.24 -18.01 3.08
C LYS A 288 -21.34 -17.02 3.48
N GLY A 289 -21.74 -17.06 4.75
CA GLY A 289 -22.72 -16.12 5.29
C GLY A 289 -22.20 -14.69 5.27
N VAL A 290 -20.99 -14.50 5.79
CA VAL A 290 -20.36 -13.17 5.88
C VAL A 290 -20.14 -12.53 4.51
N LEU A 291 -19.63 -13.32 3.57
CA LEU A 291 -19.35 -12.83 2.20
C LEU A 291 -20.54 -12.99 1.23
N ASN A 292 -21.67 -13.47 1.74
CA ASN A 292 -22.92 -13.57 0.96
C ASN A 292 -22.79 -14.51 -0.25
N GLY A 293 -22.23 -15.69 0.01
CA GLY A 293 -21.95 -16.66 -1.05
C GLY A 293 -23.11 -17.58 -1.42
N ASN A 294 -23.07 -18.08 -2.64
CA ASN A 294 -24.05 -19.04 -3.17
C ASN A 294 -23.49 -20.45 -3.38
N LEU A 295 -22.18 -20.55 -3.54
CA LEU A 295 -21.50 -21.82 -3.78
C LEU A 295 -20.44 -22.06 -2.70
N ALA A 296 -20.47 -23.25 -2.13
CA ALA A 296 -19.52 -23.66 -1.12
C ALA A 296 -19.53 -25.18 -1.01
N LYS A 297 -18.81 -25.84 -1.91
CA LYS A 297 -18.66 -27.30 -1.90
C LYS A 297 -17.31 -27.65 -1.27
N ALA A 298 -17.26 -28.79 -0.59
CA ALA A 298 -16.02 -29.29 0.01
C ALA A 298 -15.85 -30.78 -0.28
N TYR A 299 -14.66 -31.14 -0.78
CA TYR A 299 -14.33 -32.54 -1.10
C TYR A 299 -13.16 -33.00 -0.25
N VAL A 300 -13.23 -34.25 0.22
CA VAL A 300 -12.22 -34.81 1.12
C VAL A 300 -11.66 -36.14 0.63
N ILE A 301 -10.35 -36.30 0.77
CA ILE A 301 -9.69 -37.60 0.67
C ILE A 301 -8.98 -37.83 2.00
N ASN A 302 -9.21 -38.98 2.61
CA ASN A 302 -8.67 -39.29 3.92
C ASN A 302 -8.09 -40.69 3.93
N ASN A 303 -6.77 -40.79 3.79
CA ASN A 303 -6.03 -42.04 3.94
C ASN A 303 -5.28 -42.07 5.27
N GLU A 304 -5.81 -41.32 6.24
CA GLU A 304 -5.10 -41.03 7.47
C GLU A 304 -5.86 -41.45 8.75
N GLY A 305 -7.17 -41.63 8.65
CA GLY A 305 -8.00 -42.01 9.80
C GLY A 305 -8.46 -40.83 10.65
N ILE A 306 -8.18 -39.61 10.18
CA ILE A 306 -8.58 -38.39 10.91
C ILE A 306 -10.08 -38.15 10.79
N GLU A 307 -10.61 -37.34 11.71
CA GLU A 307 -12.04 -37.03 11.74
C GLU A 307 -12.40 -35.94 10.74
N VAL A 308 -13.53 -36.13 10.05
CA VAL A 308 -13.96 -35.27 8.96
C VAL A 308 -15.30 -34.58 9.24
N GLY A 309 -16.29 -35.37 9.64
CA GLY A 309 -17.64 -34.86 9.96
C GLY A 309 -18.68 -35.21 8.91
N THR A 313 -18.53 -34.39 1.65
CA THR A 313 -18.30 -35.28 0.51
C THR A 313 -16.90 -35.88 0.55
N VAL A 314 -16.83 -37.17 0.84
CA VAL A 314 -15.57 -37.88 0.91
C VAL A 314 -15.37 -38.66 -0.39
N LEU A 315 -14.20 -38.47 -0.99
CA LEU A 315 -13.85 -39.13 -2.25
C LEU A 315 -12.68 -40.08 -2.04
N SER A 316 -12.58 -41.02 -2.97
CA SER A 316 -11.61 -42.12 -2.86
C SER A 316 -10.22 -41.75 -3.38
N THR A 317 -10.19 -41.10 -4.53
CA THR A 317 -8.93 -40.81 -5.23
C THR A 317 -8.87 -39.38 -5.76
N VAL A 318 -7.65 -38.93 -6.06
CA VAL A 318 -7.41 -37.61 -6.64
C VAL A 318 -8.07 -37.49 -8.01
N GLU A 319 -8.13 -38.62 -8.74
CA GLU A 319 -8.82 -38.69 -10.03
C GLU A 319 -10.28 -38.31 -9.88
N ASP A 320 -10.95 -38.87 -8.88
CA ASP A 320 -12.35 -38.58 -8.59
C ASP A 320 -12.56 -37.11 -8.21
N LEU A 321 -11.58 -36.53 -7.53
CA LEU A 321 -11.61 -35.12 -7.16
C LEU A 321 -11.55 -34.24 -8.41
N VAL A 322 -10.62 -34.55 -9.31
CA VAL A 322 -10.45 -33.78 -10.54
C VAL A 322 -11.76 -33.77 -11.34
N VAL A 323 -12.32 -34.95 -11.56
CA VAL A 323 -13.60 -35.07 -12.28
C VAL A 323 -14.69 -34.21 -11.63
N LYS A 324 -14.79 -34.26 -10.30
CA LYS A 324 -15.79 -33.48 -9.57
C LYS A 324 -15.58 -31.97 -9.62
N LEU A 325 -14.32 -31.54 -9.57
CA LEU A 325 -13.98 -30.11 -9.67
C LEU A 325 -14.26 -29.53 -11.05
N GLU A 326 -14.21 -30.37 -12.08
CA GLU A 326 -14.52 -29.97 -13.45
C GLU A 326 -16.01 -29.71 -13.69
N GLU A 327 -16.86 -30.31 -12.86
CA GLU A 327 -18.32 -30.25 -13.02
C GLU A 327 -18.87 -28.84 -12.78
N HIS B 5 43.91 -12.99 5.39
CA HIS B 5 42.66 -13.75 5.72
C HIS B 5 41.47 -13.23 4.93
N HIS B 6 40.39 -14.02 4.91
CA HIS B 6 39.16 -13.64 4.22
C HIS B 6 38.26 -12.78 5.11
N HIS B 7 37.95 -11.58 4.63
CA HIS B 7 37.07 -10.65 5.32
C HIS B 7 35.61 -10.92 4.98
N MET B 8 34.73 -10.82 5.97
CA MET B 8 33.29 -10.92 5.74
C MET B 8 32.52 -9.85 6.50
N ILE B 9 31.39 -9.44 5.93
CA ILE B 9 30.50 -8.47 6.54
C ILE B 9 29.22 -9.19 6.94
N SER B 10 28.87 -9.09 8.22
CA SER B 10 27.67 -9.72 8.76
C SER B 10 26.89 -8.71 9.57
N GLY B 11 25.58 -8.97 9.71
CA GLY B 11 24.70 -8.01 10.38
C GLY B 11 23.40 -8.57 10.92
N SER B 12 22.85 -7.85 11.89
CA SER B 12 21.54 -8.12 12.45
C SER B 12 20.79 -6.80 12.58
N VAL B 13 19.67 -6.69 11.88
CA VAL B 13 18.92 -5.45 11.74
C VAL B 13 17.53 -5.57 12.36
N ARG B 14 17.07 -4.50 12.99
CA ARG B 14 15.72 -4.46 13.57
C ARG B 14 14.90 -3.36 12.90
N PHE B 15 13.74 -3.75 12.37
CA PHE B 15 12.80 -2.85 11.70
C PHE B 15 11.49 -2.72 12.44
N LEU B 16 10.88 -1.54 12.35
CA LEU B 16 9.49 -1.36 12.74
C LEU B 16 8.67 -1.49 11.46
N VAL B 17 7.82 -2.50 11.39
CA VAL B 17 7.09 -2.82 10.16
C VAL B 17 5.60 -2.52 10.28
N ASN B 18 5.06 -1.79 9.32
CA ASN B 18 3.61 -1.58 9.21
C ASN B 18 2.94 -2.87 8.75
N LEU B 19 2.09 -3.45 9.58
CA LEU B 19 1.51 -4.77 9.30
C LEU B 19 0.61 -4.77 8.06
N GLU B 20 -0.01 -3.64 7.77
CA GLU B 20 -0.80 -3.48 6.54
C GLU B 20 0.11 -3.02 5.40
N SER B 21 1.00 -3.92 5.00
CA SER B 21 1.93 -3.67 3.89
C SER B 21 2.57 -4.98 3.41
N ASN B 30 0.28 -19.44 3.68
CA ASN B 30 1.73 -19.53 3.46
C ASN B 30 2.10 -19.54 1.97
N LEU B 31 1.39 -18.75 1.17
CA LEU B 31 1.68 -18.62 -0.26
C LEU B 31 3.02 -17.92 -0.45
N THR B 32 3.66 -18.18 -1.59
CA THR B 32 4.97 -17.60 -1.89
C THR B 32 5.02 -16.08 -1.69
N LYS B 33 3.93 -15.40 -2.08
CA LYS B 33 3.83 -13.95 -1.96
C LYS B 33 3.46 -13.52 -0.55
N HIS B 34 2.75 -14.39 0.16
CA HIS B 34 2.23 -14.08 1.48
C HIS B 34 2.68 -15.17 2.47
N ARG B 35 3.93 -15.04 2.91
CA ARG B 35 4.55 -16.07 3.71
C ARG B 35 4.22 -15.92 5.18
N THR B 36 4.13 -17.05 5.86
CA THR B 36 3.98 -17.07 7.30
C THR B 36 4.94 -18.10 7.91
N ALA B 37 5.20 -17.92 9.19
CA ALA B 37 5.93 -18.88 9.98
C ALA B 37 4.97 -19.39 11.04
N PRO B 38 4.94 -20.72 11.25
CA PRO B 38 4.05 -21.25 12.28
C PRO B 38 4.64 -21.03 13.66
N VAL B 39 3.77 -20.69 14.60
CA VAL B 39 4.12 -20.53 16.01
C VAL B 39 3.37 -21.58 16.82
N VAL B 40 4.14 -22.45 17.47
CA VAL B 40 3.60 -23.60 18.19
C VAL B 40 3.45 -23.25 19.66
N LEU B 41 2.21 -23.31 20.15
CA LEU B 41 1.89 -22.99 21.53
C LEU B 41 1.29 -24.22 22.22
N LYS B 42 1.74 -24.51 23.43
CA LYS B 42 1.24 -25.64 24.19
C LYS B 42 -0.12 -25.32 24.83
N THR B 43 -1.07 -26.26 24.69
CA THR B 43 -2.40 -26.15 25.31
C THR B 43 -2.74 -27.40 26.11
N SER B 44 -3.81 -27.32 26.89
CA SER B 44 -4.30 -28.47 27.66
C SER B 44 -4.59 -29.68 26.77
N THR B 45 -5.11 -29.40 25.58
CA THR B 45 -5.57 -30.42 24.63
C THR B 45 -4.48 -30.87 23.66
N GLY B 46 -3.25 -30.42 23.88
CA GLY B 46 -2.13 -30.72 22.98
C GLY B 46 -1.42 -29.45 22.58
N TYR B 47 -1.59 -29.05 21.33
CA TYR B 47 -0.93 -27.86 20.79
C TYR B 47 -1.89 -27.04 19.93
N LEU B 48 -1.60 -25.74 19.84
CA LEU B 48 -2.28 -24.83 18.95
C LEU B 48 -1.22 -24.19 18.06
N VAL B 49 -1.47 -24.15 16.76
CA VAL B 49 -0.55 -23.53 15.81
C VAL B 49 -1.12 -22.22 15.33
N ARG B 50 -0.39 -21.13 15.63
CA ARG B 50 -0.71 -19.80 15.12
C ARG B 50 0.33 -19.40 14.08
N TYR B 51 0.09 -18.30 13.38
CA TYR B 51 0.91 -17.92 12.24
C TYR B 51 1.22 -16.44 12.29
N VAL B 52 2.47 -16.11 11.99
CA VAL B 52 2.90 -14.72 11.91
C VAL B 52 3.44 -14.48 10.50
N PRO B 53 3.18 -13.29 9.94
CA PRO B 53 3.74 -12.98 8.62
C PRO B 53 5.27 -12.84 8.66
N VAL B 54 5.93 -13.38 7.64
CA VAL B 54 7.37 -13.26 7.48
C VAL B 54 7.73 -12.93 6.04
N ILE B 55 8.96 -12.48 5.85
CA ILE B 55 9.54 -12.26 4.53
C ILE B 55 10.72 -13.21 4.36
N SER B 56 10.74 -13.96 3.27
CA SER B 56 11.79 -14.95 3.04
C SER B 56 13.11 -14.29 2.67
N GLY B 57 14.21 -14.98 2.99
CA GLY B 57 15.54 -14.56 2.57
C GLY B 57 15.66 -14.44 1.07
N GLU B 58 14.97 -15.33 0.36
CA GLU B 58 14.94 -15.31 -1.11
C GLU B 58 14.29 -14.03 -1.64
N ALA B 59 13.22 -13.59 -0.99
CA ALA B 59 12.57 -12.32 -1.33
C ALA B 59 13.52 -11.14 -1.12
N LEU B 60 14.23 -11.16 0.01
CA LEU B 60 15.22 -10.13 0.31
C LEU B 60 16.38 -10.18 -0.67
N ALA B 61 16.78 -11.40 -1.06
CA ALA B 61 17.88 -11.58 -2.01
C ALA B 61 17.50 -11.08 -3.41
N HIS B 62 16.22 -11.16 -3.75
CA HIS B 62 15.72 -10.63 -5.02
C HIS B 62 15.87 -9.12 -5.04
N ALA B 63 15.45 -8.47 -3.96
CA ALA B 63 15.58 -7.02 -3.81
C ALA B 63 17.04 -6.60 -3.93
N TYR B 64 17.91 -7.29 -3.19
CA TYR B 64 19.36 -7.05 -3.24
C TYR B 64 19.93 -7.14 -4.67
N GLN B 65 19.61 -8.22 -5.37
CA GLN B 65 20.13 -8.45 -6.72
C GLN B 65 19.62 -7.42 -7.74
N ALA B 66 18.37 -7.01 -7.58
CA ALA B 66 17.77 -5.96 -8.42
C ALA B 66 18.47 -4.62 -8.18
N SER B 67 18.71 -4.31 -6.91
CA SER B 67 19.48 -3.13 -6.54
C SER B 67 20.91 -3.19 -7.10
N LEU B 68 21.51 -4.38 -7.07
CA LEU B 68 22.87 -4.59 -7.58
C LEU B 68 22.93 -4.44 -9.10
N VAL B 69 21.86 -4.83 -9.79
CA VAL B 69 21.75 -4.63 -11.24
C VAL B 69 21.85 -3.14 -11.59
N ASP B 70 21.14 -2.31 -10.83
CA ASP B 70 21.15 -0.86 -11.02
C ASP B 70 22.53 -0.25 -10.78
N ILE B 71 23.19 -0.68 -9.70
CA ILE B 71 24.52 -0.17 -9.36
C ILE B 71 25.58 -0.59 -10.39
N ALA B 72 25.57 -1.87 -10.76
CA ALA B 72 26.49 -2.40 -11.77
C ALA B 72 26.39 -1.65 -13.10
N LYS B 73 25.16 -1.30 -13.47
CA LYS B 73 24.91 -0.52 -14.70
C LYS B 73 25.49 0.88 -14.62
N LYS B 74 25.44 1.49 -13.43
CA LYS B 74 26.03 2.80 -13.19
C LYS B 74 27.55 2.75 -13.20
N GLU B 75 28.11 1.84 -12.41
CA GLU B 75 29.58 1.70 -12.31
C GLU B 75 30.23 1.14 -13.58
N GLY B 76 29.43 0.60 -14.48
CA GLY B 76 29.92 0.06 -15.75
C GLY B 76 30.42 -1.38 -15.64
N LEU B 77 29.94 -2.08 -14.61
CA LEU B 77 30.28 -3.50 -14.43
C LEU B 77 29.39 -4.37 -15.31
N PRO B 78 29.89 -5.54 -15.72
CA PRO B 78 29.12 -6.39 -16.63
C PRO B 78 27.91 -7.03 -15.95
N VAL B 79 26.73 -6.77 -16.52
CA VAL B 79 25.50 -7.46 -16.12
C VAL B 79 25.02 -8.26 -17.32
N GLY B 80 24.59 -9.48 -17.08
CA GLY B 80 24.18 -10.37 -18.16
C GLY B 80 22.90 -9.94 -18.85
N SER B 81 22.61 -10.55 -20.00
CA SER B 81 21.45 -10.18 -20.81
C SER B 81 20.16 -10.29 -20.01
N LEU B 82 19.94 -11.45 -19.38
CA LEU B 82 18.71 -11.71 -18.64
C LEU B 82 18.68 -10.96 -17.31
N SER B 83 19.80 -10.97 -16.59
CA SER B 83 19.92 -10.24 -15.32
C SER B 83 19.68 -8.74 -15.46
N SER B 84 20.04 -8.20 -16.63
CA SER B 84 19.81 -6.79 -16.97
C SER B 84 18.34 -6.39 -16.88
N GLN B 85 17.46 -7.33 -17.22
CA GLN B 85 16.00 -7.12 -17.18
C GLN B 85 15.37 -7.78 -15.94
N TYR B 86 16.17 -7.94 -14.89
CA TYR B 86 15.73 -8.50 -13.61
C TYR B 86 15.16 -9.92 -13.71
N GLU B 87 15.58 -10.65 -14.72
CA GLU B 87 15.24 -12.06 -14.91
C GLU B 87 16.44 -12.87 -14.43
N PHE B 88 16.31 -13.48 -13.26
CA PHE B 88 17.45 -14.11 -12.57
C PHE B 88 17.51 -15.63 -12.70
N ILE B 89 17.14 -16.13 -13.88
CA ILE B 89 17.34 -17.54 -14.25
C ILE B 89 18.84 -17.88 -14.11
N LYS B 90 19.67 -16.86 -14.30
CA LYS B 90 21.12 -16.92 -14.05
C LYS B 90 21.77 -18.20 -14.53
N PHE B 91 21.79 -18.38 -15.85
CA PHE B 91 22.61 -19.41 -16.48
C PHE B 91 22.29 -20.83 -16.00
N SER B 92 21.05 -21.04 -15.56
CA SER B 92 20.66 -22.32 -14.94
C SER B 92 20.20 -23.36 -15.96
N THR B 93 19.87 -22.92 -17.17
CA THR B 93 19.39 -23.81 -18.23
C THR B 93 20.16 -23.64 -19.54
N ASP B 94 20.18 -24.69 -20.34
CA ASP B 94 20.82 -24.67 -21.67
C ASP B 94 20.27 -23.54 -22.55
N GLU B 95 18.99 -23.26 -22.43
CA GLU B 95 18.35 -22.16 -23.15
C GLU B 95 18.89 -20.81 -22.70
N ALA B 96 19.03 -20.64 -21.39
CA ALA B 96 19.58 -19.41 -20.82
C ALA B 96 21.01 -19.18 -21.30
N LEU B 97 21.78 -20.26 -21.39
CA LEU B 97 23.16 -20.20 -21.88
C LEU B 97 23.23 -19.80 -23.35
N LYS B 98 22.32 -20.35 -24.15
CA LYS B 98 22.19 -19.99 -25.57
C LYS B 98 21.88 -18.50 -25.74
N ILE B 99 20.92 -18.00 -24.95
CA ILE B 99 20.58 -16.58 -24.93
C ILE B 99 21.80 -15.73 -24.54
N GLU B 100 22.48 -16.14 -23.47
CA GLU B 100 23.66 -15.43 -22.97
C GLU B 100 24.90 -15.60 -23.85
N GLY B 101 24.90 -16.63 -24.70
CA GLY B 101 26.01 -16.89 -25.61
C GLY B 101 27.21 -17.52 -24.92
N ILE B 102 26.93 -18.50 -24.06
CA ILE B 102 27.96 -19.24 -23.33
C ILE B 102 27.76 -20.74 -23.55
N LYS B 103 28.83 -21.44 -23.93
CA LYS B 103 28.77 -22.89 -24.12
C LYS B 103 28.55 -23.59 -22.79
N GLU B 104 27.74 -24.64 -22.81
CA GLU B 104 27.52 -25.47 -21.64
C GLU B 104 28.80 -26.21 -21.28
N PRO B 105 29.03 -26.49 -19.98
CA PRO B 105 30.21 -27.27 -19.61
C PRO B 105 30.14 -28.69 -20.18
N LYS B 106 31.19 -29.07 -20.92
CA LYS B 106 31.26 -30.39 -21.54
C LYS B 106 31.40 -31.50 -20.49
N ASP B 107 32.26 -31.24 -19.51
CA ASP B 107 32.49 -32.18 -18.41
C ASP B 107 32.96 -31.43 -17.16
N TYR B 108 33.26 -32.18 -16.10
CA TYR B 108 33.72 -31.59 -14.82
C TYR B 108 34.99 -30.75 -14.96
N ASN B 109 35.88 -31.15 -15.87
CA ASN B 109 37.10 -30.39 -16.18
C ASN B 109 36.79 -29.02 -16.79
N ASP B 110 35.62 -28.93 -17.42
CA ASP B 110 35.17 -27.69 -18.09
C ASP B 110 34.38 -26.76 -17.16
N ALA B 111 34.20 -27.17 -15.91
CA ALA B 111 33.37 -26.43 -14.95
C ALA B 111 33.91 -25.04 -14.59
N ARG B 112 35.23 -24.92 -14.43
CA ARG B 112 35.83 -23.66 -14.02
C ARG B 112 35.84 -22.62 -15.14
N ARG B 113 36.08 -23.06 -16.39
CA ARG B 113 35.91 -22.17 -17.54
C ARG B 113 34.50 -21.59 -17.52
N PHE B 114 33.53 -22.49 -17.45
CA PHE B 114 32.11 -22.12 -17.45
C PHE B 114 31.80 -21.09 -16.37
N GLU B 115 32.28 -21.33 -15.15
CA GLU B 115 32.01 -20.44 -14.01
C GLU B 115 32.65 -19.07 -14.19
N VAL B 116 33.90 -19.04 -14.62
CA VAL B 116 34.61 -17.77 -14.84
C VAL B 116 33.97 -16.96 -15.96
N GLU B 117 33.56 -17.65 -17.03
CA GLU B 117 32.89 -17.00 -18.16
C GLU B 117 31.52 -16.45 -17.74
N VAL B 118 30.82 -17.19 -16.91
CA VAL B 118 29.54 -16.73 -16.34
C VAL B 118 29.76 -15.51 -15.44
N MET B 119 30.76 -15.58 -14.58
CA MET B 119 31.05 -14.49 -13.66
C MET B 119 31.41 -13.21 -14.41
N LEU B 120 32.33 -13.33 -15.37
CA LEU B 120 32.72 -12.20 -16.21
C LEU B 120 31.52 -11.61 -16.96
N LYS B 121 30.59 -12.46 -17.37
CA LYS B 121 29.39 -12.03 -18.08
C LYS B 121 28.40 -11.30 -17.18
N ASP B 122 28.33 -11.70 -15.91
CA ASP B 122 27.26 -11.23 -15.02
C ASP B 122 27.71 -11.18 -13.56
N VAL B 123 27.93 -9.96 -13.06
CA VAL B 123 28.31 -9.73 -11.66
C VAL B 123 27.23 -10.22 -10.67
N ILE B 124 25.98 -10.32 -11.15
CA ILE B 124 24.89 -10.85 -10.33
C ILE B 124 25.10 -12.35 -10.06
N ALA B 125 25.53 -13.08 -11.08
CA ALA B 125 25.86 -14.51 -10.92
C ALA B 125 27.10 -14.71 -10.07
N ASP B 126 27.98 -13.71 -10.06
CA ASP B 126 29.18 -13.72 -9.22
C ASP B 126 28.77 -13.55 -7.75
N VAL B 127 28.22 -12.40 -7.43
CA VAL B 127 27.86 -12.06 -6.05
C VAL B 127 26.70 -12.91 -5.51
N GLY B 128 25.67 -13.08 -6.34
CA GLY B 128 24.45 -13.80 -5.94
C GLY B 128 24.49 -15.30 -6.20
N GLY B 129 25.53 -15.77 -6.87
CA GLY B 129 25.67 -17.18 -7.17
C GLY B 129 24.75 -17.66 -8.28
N PHE B 130 24.92 -18.92 -8.65
CA PHE B 130 24.13 -19.54 -9.70
C PHE B 130 24.25 -21.05 -9.61
N MET B 131 23.33 -21.72 -10.29
CA MET B 131 23.35 -23.19 -10.36
C MET B 131 22.89 -23.65 -11.74
N TYR B 132 23.82 -24.20 -12.51
CA TYR B 132 23.52 -24.82 -13.80
C TYR B 132 23.28 -26.32 -13.58
N ALA B 133 22.07 -26.78 -13.90
CA ALA B 133 21.65 -28.15 -13.58
C ALA B 133 21.52 -29.01 -14.84
N GLY B 134 22.50 -28.91 -15.72
CA GLY B 134 22.51 -29.70 -16.96
C GLY B 134 23.21 -31.03 -16.79
N GLY B 135 23.77 -31.53 -17.87
CA GLY B 135 24.51 -32.80 -17.86
C GLY B 135 25.75 -32.75 -16.97
N ALA B 136 26.48 -31.63 -17.05
CA ALA B 136 27.65 -31.39 -16.22
C ALA B 136 27.34 -30.24 -15.26
N PRO B 137 26.76 -30.55 -14.09
CA PRO B 137 26.22 -29.48 -13.24
C PRO B 137 27.28 -28.70 -12.46
N VAL B 138 27.19 -27.38 -12.53
CA VAL B 138 28.08 -26.49 -11.80
C VAL B 138 27.26 -25.52 -10.92
N ARG B 139 27.66 -25.39 -9.66
CA ARG B 139 27.00 -24.46 -8.74
C ARG B 139 28.01 -23.51 -8.11
N ARG B 140 27.65 -22.23 -8.09
CA ARG B 140 28.38 -21.21 -7.35
C ARG B 140 27.46 -20.75 -6.25
N THR B 141 27.85 -20.97 -5.00
CA THR B 141 27.06 -20.54 -3.86
C THR B 141 27.05 -19.02 -3.76
N SER B 142 25.95 -18.46 -3.27
CA SER B 142 25.81 -17.02 -3.12
C SER B 142 26.77 -16.44 -2.08
N ARG B 143 27.40 -15.32 -2.42
CA ARG B 143 28.25 -14.60 -1.48
C ARG B 143 27.41 -13.75 -0.52
N ILE B 144 26.20 -13.42 -0.93
CA ILE B 144 25.24 -12.69 -0.09
C ILE B 144 24.26 -13.72 0.48
N LYS B 145 24.25 -13.84 1.80
CA LYS B 145 23.41 -14.80 2.50
C LYS B 145 22.43 -14.07 3.41
N LEU B 146 21.14 -14.31 3.20
CA LEU B 146 20.09 -13.60 3.92
C LEU B 146 19.15 -14.57 4.62
N GLY B 147 18.91 -14.34 5.91
CA GLY B 147 17.92 -15.11 6.64
C GLY B 147 16.52 -14.53 6.40
N TYR B 148 15.52 -15.18 6.97
CA TYR B 148 14.16 -14.65 6.93
C TYR B 148 14.04 -13.40 7.79
N MET B 149 13.07 -12.55 7.43
CA MET B 149 12.68 -11.45 8.30
C MET B 149 11.46 -11.90 9.09
N ILE B 150 11.63 -12.02 10.41
CA ILE B 150 10.62 -12.55 11.30
C ILE B 150 10.36 -11.58 12.46
N PRO B 151 9.21 -11.70 13.13
CA PRO B 151 8.93 -10.81 14.25
C PRO B 151 9.95 -10.97 15.38
N ALA B 152 10.25 -9.87 16.07
CA ALA B 152 11.21 -9.89 17.18
C ALA B 152 10.72 -10.80 18.32
N LEU B 153 9.45 -10.67 18.68
CA LEU B 153 8.89 -11.43 19.82
C LEU B 153 9.72 -11.17 21.07
N ARG B 154 9.86 -9.90 21.42
CA ARG B 154 10.74 -9.47 22.51
C ARG B 154 10.16 -9.80 23.89
N GLY B 155 8.88 -10.17 23.94
CA GLY B 155 8.21 -10.51 25.19
C GLY B 155 8.64 -11.86 25.74
N SER B 187 -1.32 -3.37 13.64
CA SER B 187 -0.87 -2.00 13.37
C SER B 187 0.61 -1.97 12.93
N SER B 188 1.51 -2.06 13.90
CA SER B 188 2.95 -1.97 13.64
C SER B 188 3.69 -2.94 14.57
N ALA B 189 4.74 -3.58 14.07
CA ALA B 189 5.48 -4.57 14.86
C ALA B 189 6.98 -4.60 14.55
N LEU B 190 7.78 -4.98 15.53
CA LEU B 190 9.22 -5.08 15.37
C LEU B 190 9.55 -6.35 14.60
N TYR B 191 10.37 -6.21 13.56
CA TYR B 191 10.89 -7.35 12.81
C TYR B 191 12.40 -7.34 12.80
N THR B 192 12.98 -8.50 12.54
CA THR B 192 14.43 -8.64 12.48
C THR B 192 14.85 -9.61 11.37
N PHE B 193 15.98 -9.31 10.73
CA PHE B 193 16.66 -10.26 9.87
C PHE B 193 18.17 -10.14 10.05
N SER B 194 18.88 -11.17 9.62
CA SER B 194 20.34 -11.21 9.68
C SER B 194 20.88 -11.52 8.28
N PHE B 195 22.11 -11.08 8.03
CA PHE B 195 22.75 -11.31 6.74
C PHE B 195 24.25 -11.53 6.88
N GLU B 196 24.84 -12.07 5.83
CA GLU B 196 26.28 -12.23 5.71
C GLU B 196 26.70 -11.95 4.28
N LEU B 197 27.73 -11.14 4.11
CA LEU B 197 28.35 -10.88 2.81
C LEU B 197 29.80 -11.32 2.87
N ASP B 198 30.13 -12.36 2.09
CA ASP B 198 31.48 -12.88 2.02
C ASP B 198 32.26 -12.09 0.99
N GLU B 199 32.56 -10.83 1.31
CA GLU B 199 33.09 -9.85 0.35
C GLU B 199 34.37 -10.31 -0.35
N ASP B 200 35.29 -10.92 0.39
CA ASP B 200 36.59 -11.32 -0.15
C ASP B 200 36.54 -12.53 -1.08
N LEU B 201 35.39 -13.21 -1.13
CA LEU B 201 35.18 -14.29 -2.08
C LEU B 201 34.37 -13.84 -3.29
N ILE B 202 34.02 -12.56 -3.36
CA ILE B 202 33.42 -11.99 -4.56
C ILE B 202 34.49 -11.95 -5.64
N ALA B 203 34.14 -12.41 -6.84
CA ALA B 203 35.06 -12.45 -7.99
C ALA B 203 36.14 -13.54 -7.87
N VAL B 204 36.06 -14.34 -6.80
CA VAL B 204 36.96 -15.45 -6.57
C VAL B 204 36.24 -16.73 -7.00
N PRO B 205 36.75 -17.42 -8.04
CA PRO B 205 36.11 -18.65 -8.49
C PRO B 205 36.01 -19.72 -7.39
N SER B 206 34.91 -20.45 -7.39
CA SER B 206 34.64 -21.48 -6.38
C SER B 206 34.79 -22.91 -6.92
N THR B 207 34.70 -23.07 -8.25
CA THR B 207 34.75 -24.38 -8.86
C THR B 207 36.15 -24.98 -8.79
N PHE B 208 36.20 -26.30 -8.64
CA PHE B 208 37.47 -27.02 -8.56
C PHE B 208 38.08 -27.16 -9.94
N GLY B 209 39.35 -26.81 -10.07
CA GLY B 209 40.08 -27.01 -11.34
C GLY B 209 41.27 -26.11 -11.55
N GLU B 210 41.89 -26.27 -12.71
CA GLU B 210 43.05 -25.48 -13.12
C GLU B 210 42.66 -24.03 -13.35
N LYS B 211 43.62 -23.12 -13.17
CA LYS B 211 43.45 -21.72 -13.53
C LYS B 211 43.14 -21.60 -15.01
N VAL B 212 42.04 -20.91 -15.33
CA VAL B 212 41.65 -20.65 -16.71
C VAL B 212 41.91 -19.18 -17.06
N LYS B 213 41.88 -18.88 -18.36
CA LYS B 213 41.94 -17.48 -18.81
C LYS B 213 40.61 -16.82 -18.49
N GLY B 214 40.69 -15.57 -18.03
CA GLY B 214 39.52 -14.84 -17.52
C GLY B 214 39.69 -14.47 -16.06
N GLU B 215 40.44 -15.28 -15.32
CA GLU B 215 40.64 -15.07 -13.88
C GLU B 215 41.42 -13.80 -13.54
N GLU B 216 42.30 -13.38 -14.46
CA GLU B 216 43.04 -12.13 -14.31
C GLU B 216 42.10 -10.93 -14.48
N GLU B 217 41.28 -10.98 -15.53
CA GLU B 217 40.24 -9.97 -15.76
C GLU B 217 39.30 -9.88 -14.57
N LEU B 218 38.89 -11.05 -14.07
CA LEU B 218 38.02 -11.17 -12.91
C LEU B 218 38.62 -10.45 -11.69
N GLU B 219 39.87 -10.77 -11.38
CA GLU B 219 40.59 -10.15 -10.26
C GLU B 219 40.91 -8.67 -10.49
N ARG B 220 40.88 -8.23 -11.74
CA ARG B 220 41.01 -6.81 -12.06
C ARG B 220 39.73 -6.05 -11.64
N GLN B 221 38.58 -6.68 -11.84
CA GLN B 221 37.28 -6.09 -11.50
C GLN B 221 36.85 -6.35 -10.05
N LYS B 222 37.65 -7.11 -9.31
CA LYS B 222 37.29 -7.53 -7.95
C LYS B 222 37.01 -6.37 -7.00
N ALA B 223 37.81 -5.31 -7.10
CA ALA B 223 37.68 -4.13 -6.24
C ALA B 223 36.35 -3.42 -6.44
N LYS B 224 35.99 -3.21 -7.71
CA LYS B 224 34.71 -2.58 -8.07
C LYS B 224 33.52 -3.51 -7.81
N ARG B 225 33.70 -4.80 -8.08
CA ARG B 225 32.66 -5.79 -7.82
C ARG B 225 32.32 -5.87 -6.32
N VAL B 226 33.36 -5.85 -5.49
CA VAL B 226 33.18 -5.84 -4.03
C VAL B 226 32.50 -4.55 -3.57
N LYS B 227 32.97 -3.43 -4.11
CA LYS B 227 32.40 -2.11 -3.82
C LYS B 227 30.89 -2.06 -4.08
N SER B 228 30.50 -2.49 -5.27
CA SER B 228 29.09 -2.50 -5.69
C SER B 228 28.23 -3.41 -4.81
N ALA B 229 28.78 -4.57 -4.45
CA ALA B 229 28.10 -5.53 -3.57
C ALA B 229 27.76 -4.92 -2.20
N ILE B 230 28.71 -4.16 -1.66
CA ILE B 230 28.50 -3.46 -0.38
C ILE B 230 27.47 -2.33 -0.52
N LYS B 231 27.56 -1.57 -1.61
CA LYS B 231 26.59 -0.50 -1.86
C LYS B 231 25.16 -1.02 -2.08
N ALA B 232 25.05 -2.25 -2.58
CA ALA B 232 23.76 -2.91 -2.76
C ALA B 232 23.05 -3.22 -1.43
N LEU B 233 23.80 -3.21 -0.33
CA LEU B 233 23.23 -3.45 1.00
C LEU B 233 22.33 -2.33 1.50
N TYR B 234 22.51 -1.12 0.95
CA TYR B 234 21.72 0.04 1.38
C TYR B 234 20.22 -0.22 1.30
N SER B 235 19.80 -0.85 0.20
CA SER B 235 18.40 -1.17 -0.02
C SER B 235 17.82 -2.03 1.11
N LEU B 236 18.63 -2.97 1.60
CA LEU B 236 18.20 -3.89 2.64
C LEU B 236 18.20 -3.26 4.03
N LEU B 237 19.26 -2.52 4.34
CA LEU B 237 19.45 -1.98 5.69
C LEU B 237 18.64 -0.72 5.99
N SER B 238 18.33 0.05 4.95
CA SER B 238 17.55 1.29 5.10
C SER B 238 16.05 1.02 5.12
N GLY B 239 15.62 -0.03 4.41
CA GLY B 239 14.21 -0.38 4.30
C GLY B 239 13.54 0.34 3.13
N ASN B 240 13.34 -0.38 2.04
CA ASN B 240 12.68 0.15 0.84
C ASN B 240 11.33 -0.49 0.60
N PRO B 250 7.39 -4.12 1.54
CA PRO B 250 6.67 -3.51 2.64
C PRO B 250 7.39 -2.30 3.24
N SER B 251 6.63 -1.39 3.83
CA SER B 251 7.17 -0.18 4.43
C SER B 251 7.66 -0.48 5.85
N MET B 252 8.84 0.02 6.18
CA MET B 252 9.43 -0.25 7.48
C MET B 252 10.50 0.77 7.88
N LYS B 253 10.60 1.01 9.18
CA LYS B 253 11.51 2.00 9.74
C LYS B 253 12.67 1.31 10.45
N LEU B 254 13.89 1.76 10.16
CA LEU B 254 15.07 1.22 10.81
C LEU B 254 15.11 1.66 12.27
N MET B 255 14.99 0.70 13.17
CA MET B 255 15.05 0.96 14.60
C MET B 255 16.50 0.93 15.05
N SER B 256 17.19 -0.17 14.74
CA SER B 256 18.62 -0.29 15.00
C SER B 256 19.25 -1.41 14.19
N LEU B 257 20.57 -1.42 14.15
CA LEU B 257 21.33 -2.55 13.59
C LEU B 257 22.73 -2.58 14.15
N VAL B 258 23.33 -3.77 14.11
CA VAL B 258 24.75 -3.93 14.35
C VAL B 258 25.33 -4.69 13.17
N VAL B 259 26.37 -4.12 12.57
CA VAL B 259 27.05 -4.73 11.43
C VAL B 259 28.54 -4.89 11.75
N THR B 260 29.05 -6.10 11.60
CA THR B 260 30.46 -6.40 11.94
C THR B 260 31.30 -6.70 10.71
N LYS B 261 32.58 -6.34 10.79
CA LYS B 261 33.58 -6.72 9.79
C LYS B 261 34.63 -7.56 10.49
N THR B 262 34.80 -8.80 10.02
CA THR B 262 35.71 -9.74 10.66
C THR B 262 36.55 -10.48 9.62
N ASP B 263 37.73 -10.94 10.02
CA ASP B 263 38.55 -11.83 9.17
C ASP B 263 38.39 -13.31 9.60
N PHE B 264 37.18 -13.62 10.03
CA PHE B 264 36.79 -14.95 10.47
C PHE B 264 35.26 -15.04 10.43
N PRO B 265 34.70 -16.25 10.30
CA PRO B 265 33.25 -16.38 10.37
C PRO B 265 32.67 -15.89 11.69
N PHE B 266 31.65 -15.04 11.60
CA PHE B 266 30.96 -14.50 12.76
C PHE B 266 29.57 -14.03 12.37
N MET B 267 28.57 -14.34 13.19
CA MET B 267 27.21 -13.87 12.97
C MET B 267 26.72 -13.14 14.21
N PRO B 268 26.47 -11.81 14.11
CA PRO B 268 25.82 -11.09 15.20
C PRO B 268 24.54 -11.73 15.73
N GLU B 269 24.17 -11.36 16.94
CA GLU B 269 23.01 -11.90 17.62
C GLU B 269 21.72 -11.48 16.89
N PRO B 270 20.76 -12.41 16.71
CA PRO B 270 19.44 -12.00 16.24
C PRO B 270 18.81 -10.96 17.16
N ALA B 271 18.01 -10.05 16.57
CA ALA B 271 17.50 -8.88 17.29
C ALA B 271 16.17 -9.12 18.01
N HIS B 272 16.03 -10.25 18.68
CA HIS B 272 14.84 -10.52 19.49
C HIS B 272 14.90 -9.74 20.81
N ASP B 273 16.00 -9.89 21.53
CA ASP B 273 16.21 -9.17 22.80
C ASP B 273 16.75 -7.76 22.55
N ASP B 274 16.43 -6.85 23.48
CA ASP B 274 16.90 -5.47 23.41
C ASP B 274 18.41 -5.33 23.60
N ASP B 275 19.03 -6.30 24.29
CA ASP B 275 20.48 -6.30 24.51
C ASP B 275 21.26 -7.07 23.43
N TYR B 276 20.68 -7.22 22.24
CA TYR B 276 21.30 -8.01 21.18
C TYR B 276 22.61 -7.41 20.66
N ILE B 277 22.70 -6.09 20.69
CA ILE B 277 23.92 -5.39 20.28
C ILE B 277 25.01 -5.62 21.33
N LYS B 278 24.63 -5.55 22.61
CA LYS B 278 25.55 -5.78 23.72
C LYS B 278 26.11 -7.20 23.66
N THR B 279 25.21 -8.17 23.47
CA THR B 279 25.59 -9.58 23.37
C THR B 279 26.51 -9.84 22.18
N THR B 280 26.16 -9.26 21.04
CA THR B 280 26.98 -9.33 19.82
C THR B 280 28.44 -8.91 20.08
N ILE B 281 28.64 -7.77 20.75
CA ILE B 281 29.99 -7.23 21.00
C ILE B 281 30.80 -8.11 21.96
N MET B 282 30.13 -8.65 22.98
CA MET B 282 30.74 -9.61 23.90
C MET B 282 31.16 -10.89 23.17
N ARG B 283 30.29 -11.39 22.30
CA ARG B 283 30.58 -12.58 21.50
C ARG B 283 31.68 -12.32 20.47
N LEU B 284 31.66 -11.13 19.88
CA LEU B 284 32.67 -10.70 18.90
C LEU B 284 34.08 -10.78 19.50
N GLY B 285 34.22 -10.23 20.71
CA GLY B 285 35.49 -10.27 21.44
C GLY B 285 35.96 -11.68 21.74
N LYS B 286 35.06 -12.51 22.26
CA LYS B 286 35.39 -13.90 22.57
C LYS B 286 35.75 -14.69 21.32
N ALA B 287 34.98 -14.51 20.26
CA ALA B 287 35.22 -15.19 18.98
C ALA B 287 36.57 -14.81 18.38
N LYS B 288 36.91 -13.52 18.45
CA LYS B 288 38.19 -13.03 17.91
C LYS B 288 39.37 -13.72 18.58
N GLY B 289 39.28 -13.90 19.90
CA GLY B 289 40.33 -14.56 20.68
C GLY B 289 40.41 -16.04 20.39
N VAL B 290 39.27 -16.73 20.47
CA VAL B 290 39.20 -18.16 20.24
C VAL B 290 39.69 -18.53 18.84
N LEU B 291 39.23 -17.80 17.84
CA LEU B 291 39.55 -18.07 16.44
C LEU B 291 40.86 -17.46 15.97
N ASN B 292 41.48 -16.63 16.83
CA ASN B 292 42.76 -15.99 16.55
C ASN B 292 42.67 -14.98 15.40
N GLY B 293 41.59 -14.22 15.39
CA GLY B 293 41.36 -13.23 14.34
C GLY B 293 42.22 -11.99 14.53
N ASN B 294 42.47 -11.29 13.43
CA ASN B 294 43.17 -10.00 13.43
C ASN B 294 42.21 -8.81 13.33
N LEU B 295 41.03 -9.05 12.74
CA LEU B 295 40.07 -7.98 12.44
C LEU B 295 38.71 -8.27 13.08
N ALA B 296 38.20 -7.30 13.83
CA ALA B 296 36.90 -7.43 14.47
C ALA B 296 36.33 -6.04 14.74
N LYS B 297 35.61 -5.52 13.75
CA LYS B 297 35.03 -4.18 13.81
C LYS B 297 33.52 -4.30 13.89
N ALA B 298 32.91 -3.39 14.64
CA ALA B 298 31.46 -3.38 14.83
C ALA B 298 30.93 -1.97 14.66
N TYR B 299 29.91 -1.83 13.79
CA TYR B 299 29.26 -0.56 13.53
C TYR B 299 27.80 -0.66 13.94
N VAL B 300 27.29 0.42 14.53
CA VAL B 300 25.92 0.46 15.04
C VAL B 300 25.18 1.69 14.52
N ILE B 301 23.94 1.49 14.09
CA ILE B 301 23.00 2.57 13.87
C ILE B 301 21.90 2.36 14.92
N ASN B 302 21.52 3.44 15.60
CA ASN B 302 20.60 3.34 16.74
C ASN B 302 19.56 4.46 16.69
N ASN B 303 18.32 4.09 16.33
CA ASN B 303 17.20 5.03 16.27
C ASN B 303 16.07 4.65 17.23
N GLU B 304 16.39 3.89 18.27
CA GLU B 304 15.39 3.48 19.26
C GLU B 304 15.91 3.61 20.70
N GLY B 305 16.85 4.53 20.90
CA GLY B 305 17.45 4.76 22.22
C GLY B 305 17.81 3.46 22.92
N ILE B 306 18.40 2.55 22.15
CA ILE B 306 18.61 1.18 22.59
C ILE B 306 19.57 1.12 23.76
N GLU B 307 19.42 0.06 24.57
CA GLU B 307 20.19 -0.13 25.81
C GLU B 307 21.70 -0.07 25.58
N VAL B 308 22.13 -0.46 24.38
CA VAL B 308 23.54 -0.44 23.99
C VAL B 308 23.91 0.87 23.31
N GLY B 311 31.95 0.78 23.95
CA GLY B 311 32.41 1.99 23.27
C GLY B 311 32.40 1.83 21.77
N VAL B 312 31.24 1.48 21.24
CA VAL B 312 31.08 1.11 19.83
C VAL B 312 31.06 2.32 18.91
N THR B 313 31.50 2.12 17.67
CA THR B 313 31.37 3.12 16.62
C THR B 313 29.91 3.23 16.16
N VAL B 314 29.20 4.22 16.70
CA VAL B 314 27.80 4.47 16.35
C VAL B 314 27.71 5.45 15.18
N LEU B 315 26.95 5.08 14.15
CA LEU B 315 26.74 5.92 12.98
C LEU B 315 25.32 6.47 12.92
N SER B 316 25.14 7.51 12.12
CA SER B 316 23.88 8.23 12.02
C SER B 316 22.97 7.66 10.94
N THR B 317 23.53 7.41 9.75
CA THR B 317 22.75 6.91 8.61
C THR B 317 23.29 5.59 8.05
N VAL B 318 22.53 4.99 7.12
CA VAL B 318 22.96 3.79 6.40
C VAL B 318 23.99 4.15 5.32
N GLU B 319 23.86 5.33 4.74
CA GLU B 319 24.85 5.87 3.80
C GLU B 319 26.23 5.94 4.46
N ASP B 320 26.27 6.37 5.71
CA ASP B 320 27.51 6.43 6.49
C ASP B 320 28.12 5.03 6.67
N LEU B 321 27.27 4.07 7.01
CA LEU B 321 27.70 2.67 7.19
C LEU B 321 28.35 2.14 5.91
N VAL B 322 27.66 2.31 4.79
CA VAL B 322 28.11 1.78 3.49
C VAL B 322 29.47 2.35 3.09
N VAL B 323 29.69 3.63 3.34
CA VAL B 323 30.99 4.26 3.05
C VAL B 323 32.09 3.67 3.92
N LYS B 324 31.79 3.49 5.21
CA LYS B 324 32.75 2.94 6.17
C LYS B 324 33.08 1.47 5.88
N LEU B 325 32.07 0.68 5.56
CA LEU B 325 32.27 -0.72 5.16
C LEU B 325 33.08 -0.81 3.87
N GLU B 326 32.86 0.14 2.97
CA GLU B 326 33.69 0.31 1.78
C GLU B 326 35.09 0.76 2.22
N HIS C 5 -14.43 -7.29 20.56
CA HIS C 5 -15.78 -6.80 20.12
C HIS C 5 -15.97 -5.34 20.52
N HIS C 6 -15.47 -4.44 19.70
CA HIS C 6 -15.50 -3.03 20.02
C HIS C 6 -16.88 -2.44 19.77
N HIS C 7 -17.34 -1.69 20.75
CA HIS C 7 -18.53 -0.86 20.59
C HIS C 7 -18.25 0.27 19.58
N MET C 8 -19.15 0.38 18.60
CA MET C 8 -19.10 1.43 17.60
C MET C 8 -20.46 2.12 17.57
N ILE C 9 -20.44 3.44 17.41
CA ILE C 9 -21.65 4.23 17.15
C ILE C 9 -21.53 4.84 15.75
N SER C 10 -22.50 4.55 14.89
CA SER C 10 -22.50 5.05 13.51
C SER C 10 -23.85 5.66 13.17
N GLY C 11 -23.88 6.49 12.13
CA GLY C 11 -25.11 7.19 11.78
C GLY C 11 -25.13 7.78 10.39
N SER C 12 -26.34 7.92 9.86
CA SER C 12 -26.60 8.70 8.64
C SER C 12 -27.74 9.64 8.97
N VAL C 13 -27.57 10.90 8.58
CA VAL C 13 -28.45 11.99 8.99
C VAL C 13 -28.85 12.81 7.77
N ARG C 14 -30.08 13.30 7.78
CA ARG C 14 -30.58 14.23 6.79
C ARG C 14 -30.88 15.58 7.43
N PHE C 15 -30.34 16.64 6.85
CA PHE C 15 -30.58 18.01 7.29
C PHE C 15 -31.17 18.83 6.16
N LEU C 16 -32.13 19.69 6.49
CA LEU C 16 -32.60 20.73 5.60
C LEU C 16 -31.67 21.94 5.82
N VAL C 17 -30.89 22.27 4.80
CA VAL C 17 -29.88 23.32 4.92
C VAL C 17 -30.32 24.60 4.21
N ASN C 18 -30.14 25.72 4.90
CA ASN C 18 -30.40 27.04 4.33
C ASN C 18 -29.31 27.38 3.31
N LEU C 19 -29.69 27.43 2.02
CA LEU C 19 -28.76 27.69 0.93
C LEU C 19 -28.13 29.09 1.01
N GLU C 20 -28.91 30.05 1.51
CA GLU C 20 -28.43 31.42 1.71
C GLU C 20 -27.32 31.41 2.77
N SER C 21 -27.52 30.62 3.81
CA SER C 21 -26.53 30.42 4.88
C SER C 21 -25.32 29.64 4.37
N LEU C 22 -25.58 28.67 3.50
CA LEU C 22 -24.52 27.88 2.88
C LEU C 22 -23.66 28.74 1.96
N LYS C 33 -16.15 27.87 4.97
CA LYS C 33 -15.70 28.19 3.62
C LYS C 33 -16.55 27.50 2.55
N HIS C 34 -16.42 27.97 1.31
CA HIS C 34 -17.31 27.59 0.21
C HIS C 34 -16.71 26.55 -0.75
N ARG C 35 -16.94 25.29 -0.44
CA ARG C 35 -16.40 24.16 -1.18
C ARG C 35 -17.43 23.56 -2.12
N THR C 36 -16.97 22.94 -3.20
CA THR C 36 -17.85 22.19 -4.10
C THR C 36 -17.26 20.82 -4.37
N ALA C 37 -18.11 19.90 -4.80
CA ALA C 37 -17.67 18.55 -5.13
C ALA C 37 -18.51 17.98 -6.26
N PRO C 38 -17.94 17.03 -7.01
CA PRO C 38 -18.61 16.51 -8.18
C PRO C 38 -19.75 15.54 -7.87
N VAL C 39 -20.79 15.65 -8.69
CA VAL C 39 -21.87 14.68 -8.76
C VAL C 39 -21.90 14.23 -10.21
N VAL C 40 -22.11 12.93 -10.43
CA VAL C 40 -22.08 12.35 -11.77
C VAL C 40 -23.48 11.86 -12.14
N LEU C 41 -24.00 12.31 -13.27
CA LEU C 41 -25.30 11.88 -13.76
C LEU C 41 -25.11 11.04 -15.01
N LYS C 42 -25.59 9.80 -14.97
CA LYS C 42 -25.59 8.96 -16.17
C LYS C 42 -26.81 9.31 -17.03
N THR C 43 -26.54 9.66 -18.28
CA THR C 43 -27.59 9.94 -19.27
C THR C 43 -27.64 8.81 -20.30
N SER C 44 -28.54 8.93 -21.26
CA SER C 44 -28.62 7.99 -22.39
C SER C 44 -27.41 8.14 -23.33
N THR C 45 -26.86 9.34 -23.39
CA THR C 45 -25.71 9.66 -24.25
C THR C 45 -24.36 9.44 -23.55
N GLY C 46 -24.38 9.41 -22.21
CA GLY C 46 -23.15 9.20 -21.43
C GLY C 46 -23.27 9.72 -20.01
N TYR C 47 -22.16 10.20 -19.46
CA TYR C 47 -22.13 10.76 -18.11
C TYR C 47 -21.91 12.27 -18.13
N LEU C 48 -22.55 12.98 -17.21
CA LEU C 48 -22.33 14.42 -17.03
C LEU C 48 -21.82 14.64 -15.62
N VAL C 49 -20.77 15.45 -15.48
CA VAL C 49 -20.21 15.78 -14.17
C VAL C 49 -20.48 17.25 -13.86
N ARG C 50 -21.12 17.50 -12.73
CA ARG C 50 -21.35 18.87 -12.26
C ARG C 50 -20.94 18.98 -10.81
N TYR C 51 -20.44 20.17 -10.44
CA TYR C 51 -20.04 20.44 -9.08
C TYR C 51 -21.15 21.15 -8.31
N VAL C 52 -21.34 20.75 -7.07
CA VAL C 52 -22.39 21.30 -6.21
C VAL C 52 -21.79 21.67 -4.86
N PRO C 53 -22.38 22.65 -4.16
CA PRO C 53 -21.86 23.05 -2.86
C PRO C 53 -21.95 21.96 -1.81
N VAL C 54 -20.87 21.79 -1.04
CA VAL C 54 -20.81 20.80 0.05
C VAL C 54 -20.23 21.44 1.30
N ILE C 55 -20.43 20.78 2.43
CA ILE C 55 -19.78 21.15 3.70
C ILE C 55 -18.79 20.04 4.02
N SER C 56 -17.53 20.41 4.22
CA SER C 56 -16.49 19.41 4.44
C SER C 56 -16.61 18.73 5.80
N GLY C 57 -16.13 17.50 5.85
CA GLY C 57 -15.99 16.76 7.09
C GLY C 57 -15.12 17.47 8.11
N GLU C 58 -14.16 18.25 7.62
CA GLU C 58 -13.30 19.09 8.46
C GLU C 58 -14.11 20.15 9.19
N ALA C 59 -15.07 20.76 8.50
CA ALA C 59 -15.98 21.74 9.12
C ALA C 59 -16.84 21.08 10.19
N LEU C 60 -17.42 19.93 9.86
CA LEU C 60 -18.19 19.13 10.82
C LEU C 60 -17.32 18.77 12.02
N ALA C 61 -16.09 18.36 11.75
CA ALA C 61 -15.14 17.99 12.81
C ALA C 61 -14.84 19.17 13.72
N HIS C 62 -14.73 20.37 13.15
CA HIS C 62 -14.50 21.58 13.97
CA HIS C 62 -14.49 21.55 13.98
C HIS C 62 -15.65 21.81 14.93
N ALA C 63 -16.88 21.69 14.43
CA ALA C 63 -18.07 21.84 15.26
C ALA C 63 -18.11 20.80 16.37
N TYR C 64 -17.84 19.54 16.01
CA TYR C 64 -17.85 18.45 16.97
C TYR C 64 -16.80 18.70 18.07
N GLN C 65 -15.59 19.03 17.67
CA GLN C 65 -14.48 19.21 18.60
C GLN C 65 -14.71 20.41 19.53
N ALA C 66 -15.32 21.47 18.99
CA ALA C 66 -15.68 22.65 19.79
C ALA C 66 -16.69 22.30 20.87
N SER C 67 -17.68 21.49 20.51
CA SER C 67 -18.65 20.99 21.47
C SER C 67 -17.98 20.12 22.53
N LEU C 68 -17.05 19.25 22.10
CA LEU C 68 -16.30 18.39 23.04
C LEU C 68 -15.43 19.20 24.02
N VAL C 69 -14.84 20.29 23.53
CA VAL C 69 -14.12 21.22 24.39
C VAL C 69 -14.99 21.72 25.54
N ASP C 70 -16.19 22.16 25.21
CA ASP C 70 -17.11 22.72 26.22
C ASP C 70 -17.54 21.65 27.22
N ILE C 71 -17.84 20.45 26.72
CA ILE C 71 -18.25 19.32 27.55
C ILE C 71 -17.11 18.88 28.47
N ALA C 72 -15.93 18.71 27.89
CA ALA C 72 -14.73 18.31 28.62
C ALA C 72 -14.41 19.27 29.79
N LYS C 73 -14.40 20.56 29.49
CA LYS C 73 -14.11 21.60 30.49
C LYS C 73 -15.12 21.54 31.64
N LYS C 74 -16.38 21.35 31.29
CA LYS C 74 -17.45 21.25 32.29
C LYS C 74 -17.28 19.99 33.16
N GLU C 75 -16.81 18.91 32.55
CA GLU C 75 -16.68 17.63 33.22
C GLU C 75 -15.33 17.47 33.93
N GLY C 76 -14.42 18.42 33.71
CA GLY C 76 -13.12 18.41 34.36
C GLY C 76 -12.06 17.59 33.63
N LEU C 77 -12.29 17.28 32.35
CA LEU C 77 -11.30 16.57 31.54
C LEU C 77 -10.29 17.55 30.99
N PRO C 78 -9.07 17.07 30.68
CA PRO C 78 -8.03 17.96 30.13
C PRO C 78 -8.32 18.44 28.72
N VAL C 79 -8.25 19.75 28.50
CA VAL C 79 -8.27 20.34 27.17
C VAL C 79 -7.00 21.17 27.03
N GLY C 80 -6.29 20.98 25.92
CA GLY C 80 -5.00 21.64 25.72
C GLY C 80 -5.10 23.15 25.53
N SER C 81 -3.97 23.82 25.45
CA SER C 81 -3.95 25.29 25.35
C SER C 81 -4.60 25.79 24.08
N LEU C 82 -4.24 25.21 22.94
CA LEU C 82 -4.78 25.68 21.67
C LEU C 82 -6.21 25.18 21.47
N SER C 83 -6.47 23.91 21.79
CA SER C 83 -7.83 23.37 21.70
C SER C 83 -8.81 24.16 22.58
N SER C 84 -8.36 24.61 23.75
CA SER C 84 -9.20 25.41 24.63
C SER C 84 -9.69 26.73 24.00
N GLN C 85 -8.96 27.21 23.00
CA GLN C 85 -9.36 28.40 22.23
C GLN C 85 -10.01 28.03 20.89
N TYR C 86 -10.43 26.77 20.76
CA TYR C 86 -11.08 26.25 19.54
C TYR C 86 -10.16 26.38 18.33
N GLU C 87 -8.87 26.24 18.57
CA GLU C 87 -7.85 26.26 17.52
C GLU C 87 -7.23 24.88 17.48
N PHE C 88 -7.75 24.06 16.57
CA PHE C 88 -7.44 22.64 16.59
C PHE C 88 -6.25 22.29 15.71
N ILE C 89 -5.15 23.01 15.94
CA ILE C 89 -3.85 22.66 15.39
C ILE C 89 -3.39 21.30 15.92
N LYS C 90 -3.72 21.02 17.17
CA LYS C 90 -3.49 19.72 17.77
C LYS C 90 -2.08 19.19 17.56
N PHE C 91 -1.12 19.87 18.17
CA PHE C 91 0.23 19.33 18.37
C PHE C 91 0.95 18.98 17.06
N SER C 92 0.66 19.73 16.00
CA SER C 92 1.08 19.37 14.65
C SER C 92 2.51 19.78 14.30
N THR C 93 3.05 20.74 15.04
CA THR C 93 4.38 21.27 14.78
C THR C 93 5.11 21.51 16.09
N ASP C 94 6.42 21.78 15.98
CA ASP C 94 7.22 22.08 17.18
C ASP C 94 6.79 23.37 17.88
N GLU C 95 6.20 24.28 17.11
CA GLU C 95 5.64 25.52 17.67
C GLU C 95 4.52 25.17 18.62
N ALA C 96 3.61 24.31 18.17
CA ALA C 96 2.48 23.88 18.98
C ALA C 96 2.95 23.15 20.24
N LEU C 97 3.94 22.27 20.10
CA LEU C 97 4.49 21.52 21.24
C LEU C 97 5.10 22.45 22.28
N LYS C 98 5.78 23.49 21.83
CA LYS C 98 6.34 24.50 22.72
C LYS C 98 5.23 25.15 23.53
N ILE C 99 4.18 25.59 22.84
CA ILE C 99 3.02 26.22 23.50
C ILE C 99 2.35 25.28 24.50
N GLU C 100 2.26 24.01 24.13
CA GLU C 100 1.56 23.01 24.93
C GLU C 100 2.42 22.44 26.07
N GLY C 101 3.74 22.65 26.00
CA GLY C 101 4.66 22.18 27.03
C GLY C 101 5.00 20.70 26.93
N ILE C 102 5.12 20.22 25.70
CA ILE C 102 5.40 18.80 25.45
C ILE C 102 6.68 18.67 24.62
N LYS C 103 7.58 17.79 25.06
CA LYS C 103 8.82 17.54 24.33
C LYS C 103 8.56 16.68 23.12
N GLU C 104 9.17 17.03 21.99
CA GLU C 104 9.01 16.27 20.76
C GLU C 104 9.53 14.86 20.98
N PRO C 105 9.01 13.89 20.22
CA PRO C 105 9.56 12.56 20.31
C PRO C 105 10.96 12.57 19.72
N LYS C 106 11.89 11.97 20.46
CA LYS C 106 13.31 11.96 20.10
C LYS C 106 13.53 10.94 18.99
N ASP C 107 13.02 9.74 19.23
CA ASP C 107 13.22 8.61 18.34
C ASP C 107 11.92 7.81 18.24
N TYR C 108 11.97 6.72 17.49
CA TYR C 108 10.80 5.86 17.30
C TYR C 108 10.33 5.21 18.60
N ASN C 109 11.24 4.91 19.50
CA ASN C 109 10.86 4.30 20.78
C ASN C 109 10.23 5.29 21.76
N ASP C 110 10.24 6.57 21.41
CA ASP C 110 9.69 7.64 22.24
C ASP C 110 8.28 8.05 21.76
N ALA C 111 7.78 7.40 20.71
CA ALA C 111 6.49 7.79 20.11
C ALA C 111 5.31 7.59 21.05
N ARG C 112 5.32 6.48 21.79
CA ARG C 112 4.23 6.16 22.70
C ARG C 112 4.19 7.10 23.90
N ARG C 113 5.35 7.36 24.49
CA ARG C 113 5.46 8.39 25.53
C ARG C 113 4.81 9.67 25.03
N PHE C 114 5.24 10.12 23.86
CA PHE C 114 4.70 11.34 23.25
C PHE C 114 3.19 11.30 23.06
N GLU C 115 2.69 10.23 22.44
CA GLU C 115 1.24 10.15 22.17
C GLU C 115 0.44 10.21 23.47
N VAL C 116 0.87 9.46 24.49
CA VAL C 116 0.15 9.40 25.76
C VAL C 116 0.17 10.77 26.45
N GLU C 117 1.31 11.45 26.41
CA GLU C 117 1.41 12.80 26.98
C GLU C 117 0.49 13.80 26.28
N VAL C 118 0.42 13.71 24.95
CA VAL C 118 -0.49 14.53 24.17
C VAL C 118 -1.94 14.24 24.57
N MET C 119 -2.29 12.95 24.62
CA MET C 119 -3.65 12.55 25.01
C MET C 119 -4.01 13.01 26.43
N LEU C 120 -3.06 12.97 27.36
CA LEU C 120 -3.31 13.42 28.73
C LEU C 120 -3.43 14.94 28.86
N LYS C 121 -2.82 15.65 27.92
CA LYS C 121 -2.93 17.11 27.85
C LYS C 121 -4.23 17.58 27.21
N ASP C 122 -4.77 16.78 26.29
CA ASP C 122 -5.84 17.25 25.43
C ASP C 122 -6.73 16.11 24.95
N VAL C 123 -7.91 15.99 25.54
CA VAL C 123 -8.90 14.99 25.10
C VAL C 123 -9.29 15.16 23.62
N ILE C 124 -9.19 16.37 23.10
CA ILE C 124 -9.50 16.63 21.69
C ILE C 124 -8.52 15.88 20.77
N ALA C 125 -7.24 15.87 21.13
CA ALA C 125 -6.22 15.12 20.39
C ALA C 125 -6.37 13.60 20.56
N ASP C 126 -6.93 13.17 21.69
CA ASP C 126 -7.30 11.77 21.89
C ASP C 126 -8.45 11.36 20.95
N VAL C 127 -9.61 11.96 21.15
CA VAL C 127 -10.81 11.58 20.39
C VAL C 127 -10.72 11.94 18.90
N GLY C 128 -10.25 13.16 18.62
CA GLY C 128 -10.18 13.67 17.26
C GLY C 128 -8.89 13.37 16.52
N GLY C 129 -7.96 12.72 17.18
CA GLY C 129 -6.67 12.38 16.59
C GLY C 129 -5.77 13.59 16.45
N PHE C 130 -4.55 13.35 15.99
CA PHE C 130 -3.60 14.42 15.71
C PHE C 130 -2.52 13.86 14.78
N MET C 131 -1.80 14.75 14.11
CA MET C 131 -0.61 14.36 13.37
C MET C 131 0.49 15.35 13.62
N TYR C 132 1.54 14.89 14.28
CA TYR C 132 2.73 15.67 14.49
C TYR C 132 3.68 15.41 13.31
N ALA C 133 4.01 16.46 12.57
CA ALA C 133 4.85 16.36 11.36
C ALA C 133 6.26 16.90 11.55
N GLY C 134 6.80 16.73 12.75
CA GLY C 134 8.18 17.10 13.04
C GLY C 134 9.16 16.03 12.59
N GLY C 135 10.35 16.04 13.20
CA GLY C 135 11.44 15.15 12.81
C GLY C 135 11.11 13.67 12.93
N ALA C 136 10.45 13.29 14.00
CA ALA C 136 9.97 11.91 14.18
C ALA C 136 8.44 11.95 14.21
N PRO C 137 7.81 11.90 13.02
CA PRO C 137 6.36 12.07 12.94
C PRO C 137 5.56 10.99 13.65
N VAL C 138 4.45 11.40 14.26
CA VAL C 138 3.57 10.52 15.01
C VAL C 138 2.15 10.90 14.60
N ARG C 139 1.37 9.92 14.15
CA ARG C 139 -0.01 10.13 13.73
C ARG C 139 -0.97 9.28 14.56
N ARG C 140 -1.97 9.94 15.12
CA ARG C 140 -3.07 9.25 15.78
C ARG C 140 -4.32 9.49 14.95
N THR C 141 -4.89 8.43 14.40
CA THR C 141 -6.10 8.58 13.58
C THR C 141 -7.28 9.00 14.46
N SER C 142 -8.18 9.80 13.91
CA SER C 142 -9.37 10.23 14.65
C SER C 142 -10.23 9.03 15.02
N ARG C 143 -10.76 9.03 16.25
CA ARG C 143 -11.80 8.08 16.62
C ARG C 143 -13.18 8.51 16.11
N ILE C 144 -13.32 9.79 15.78
CA ILE C 144 -14.56 10.33 15.21
C ILE C 144 -14.32 10.56 13.71
N LYS C 145 -15.07 9.83 12.88
CA LYS C 145 -14.91 9.87 11.44
C LYS C 145 -16.18 10.47 10.85
N LEU C 146 -16.00 11.55 10.10
CA LEU C 146 -17.11 12.31 9.54
C LEU C 146 -16.95 12.40 8.03
N GLY C 147 -17.98 12.01 7.31
CA GLY C 147 -18.00 12.19 5.87
C GLY C 147 -18.32 13.63 5.52
N TYR C 148 -18.09 14.00 4.26
CA TYR C 148 -18.58 15.28 3.73
C TYR C 148 -20.10 15.32 3.80
N MET C 149 -20.63 16.52 4.00
CA MET C 149 -22.07 16.74 3.92
C MET C 149 -22.43 17.20 2.50
N ILE C 150 -23.20 16.38 1.79
CA ILE C 150 -23.52 16.62 0.38
C ILE C 150 -25.03 16.59 0.10
N PRO C 151 -25.47 17.19 -1.02
CA PRO C 151 -26.90 17.14 -1.33
C PRO C 151 -27.48 15.73 -1.29
N ALA C 152 -28.62 15.58 -0.63
CA ALA C 152 -29.33 14.31 -0.59
C ALA C 152 -30.03 14.10 -1.93
N LEU C 153 -29.61 13.05 -2.62
CA LEU C 153 -30.06 12.77 -3.97
C LEU C 153 -31.25 11.82 -3.89
N ARG C 154 -32.39 12.38 -3.54
CA ARG C 154 -33.63 11.64 -3.27
C ARG C 154 -34.70 11.91 -4.33
N GLY C 155 -35.71 11.04 -4.36
CA GLY C 155 -36.92 11.31 -5.14
C GLY C 155 -36.81 11.01 -6.62
N ASP C 156 -37.85 11.39 -7.36
CA ASP C 156 -38.02 10.95 -8.74
C ASP C 156 -37.59 11.97 -9.81
N GLU C 157 -36.92 13.05 -9.39
CA GLU C 157 -36.49 14.11 -10.33
C GLU C 157 -35.18 14.76 -9.90
N ILE C 158 -34.18 13.93 -9.64
CA ILE C 158 -32.93 14.37 -9.01
C ILE C 158 -32.20 15.46 -9.80
N PRO C 159 -32.01 15.28 -11.12
CA PRO C 159 -31.28 16.30 -11.89
C PRO C 159 -31.97 17.68 -11.91
N ALA C 160 -33.31 17.67 -12.03
CA ALA C 160 -34.09 18.91 -11.99
C ALA C 160 -33.99 19.64 -10.64
N GLN C 161 -33.99 18.88 -9.54
CA GLN C 161 -33.85 19.47 -8.21
C GLN C 161 -32.49 20.13 -8.02
N LEU C 162 -31.44 19.49 -8.53
CA LEU C 162 -30.09 20.06 -8.46
C LEU C 162 -30.01 21.37 -9.26
N GLU C 163 -30.59 21.37 -10.45
CA GLU C 163 -30.65 22.60 -11.27
C GLU C 163 -31.45 23.69 -10.58
N ALA C 164 -32.53 23.30 -9.91
CA ALA C 164 -33.40 24.24 -9.19
C ALA C 164 -32.70 24.86 -7.97
N GLN C 165 -31.90 24.04 -7.29
CA GLN C 165 -31.23 24.44 -6.04
C GLN C 165 -29.92 25.16 -6.29
N PHE C 166 -29.16 24.67 -7.28
CA PHE C 166 -27.80 25.13 -7.52
C PHE C 166 -27.65 25.68 -8.95
N HIS C 167 -26.51 26.30 -9.23
CA HIS C 167 -26.29 26.99 -10.50
C HIS C 167 -26.03 26.06 -11.71
N VAL C 168 -26.13 24.74 -11.51
CA VAL C 168 -25.67 23.77 -12.49
C VAL C 168 -26.68 23.52 -13.60
N ARG C 169 -26.17 23.04 -14.74
CA ARG C 169 -26.99 22.74 -15.90
C ARG C 169 -26.56 21.42 -16.52
N PHE C 170 -27.41 20.40 -16.43
CA PHE C 170 -27.15 19.11 -17.05
C PHE C 170 -27.59 19.12 -18.50
N VAL C 184 -31.51 30.25 -9.65
CA VAL C 184 -31.79 29.44 -8.46
C VAL C 184 -33.26 29.57 -8.04
N GLU C 185 -34.05 28.54 -8.37
CA GLU C 185 -35.49 28.52 -8.07
C GLU C 185 -35.78 28.43 -6.56
N VAL C 186 -35.09 27.52 -5.89
CA VAL C 186 -35.41 27.14 -4.49
C VAL C 186 -34.37 27.68 -3.49
N SER C 187 -34.81 27.84 -2.23
CA SER C 187 -34.01 28.45 -1.15
C SER C 187 -33.47 27.46 -0.08
N SER C 188 -33.93 26.22 -0.15
CA SER C 188 -33.47 25.20 0.78
C SER C 188 -33.11 23.94 0.01
N ALA C 189 -32.21 23.16 0.60
CA ALA C 189 -31.81 21.90 0.00
C ALA C 189 -31.58 20.87 1.10
N LEU C 190 -31.95 19.64 0.80
CA LEU C 190 -31.73 18.51 1.67
C LEU C 190 -30.28 18.05 1.49
N TYR C 191 -29.59 17.89 2.62
CA TYR C 191 -28.21 17.45 2.66
C TYR C 191 -28.10 16.24 3.58
N THR C 192 -27.03 15.47 3.40
CA THR C 192 -26.76 14.32 4.23
C THR C 192 -25.27 14.13 4.52
N PHE C 193 -24.98 13.55 5.69
CA PHE C 193 -23.65 13.01 5.97
C PHE C 193 -23.79 11.79 6.87
N SER C 194 -22.71 11.02 6.94
CA SER C 194 -22.61 9.88 7.82
C SER C 194 -21.39 10.02 8.73
N PHE C 195 -21.42 9.33 9.86
CA PHE C 195 -20.33 9.38 10.83
C PHE C 195 -20.12 8.03 11.48
N GLU C 196 -18.96 7.89 12.08
CA GLU C 196 -18.60 6.72 12.85
C GLU C 196 -17.79 7.18 14.04
N LEU C 197 -18.17 6.70 15.23
CA LEU C 197 -17.43 6.97 16.48
C LEU C 197 -16.93 5.64 17.02
N ASP C 198 -15.61 5.46 17.00
CA ASP C 198 -14.98 4.26 17.50
C ASP C 198 -14.78 4.42 19.00
N GLU C 199 -15.87 4.26 19.74
CA GLU C 199 -15.86 4.64 21.15
C GLU C 199 -14.86 3.86 21.99
N ASP C 200 -14.63 2.59 21.65
CA ASP C 200 -13.72 1.75 22.41
C ASP C 200 -12.24 1.99 22.12
N LEU C 201 -11.93 2.85 21.16
CA LEU C 201 -10.54 3.24 20.89
C LEU C 201 -10.19 4.58 21.53
N ILE C 202 -11.18 5.23 22.14
CA ILE C 202 -10.94 6.45 22.86
C ILE C 202 -10.07 6.14 24.08
N ALA C 203 -9.08 7.00 24.29
CA ALA C 203 -8.13 6.88 25.42
C ALA C 203 -7.17 5.69 25.31
N VAL C 204 -7.16 5.02 24.16
CA VAL C 204 -6.29 3.89 23.91
C VAL C 204 -5.16 4.34 22.98
N PRO C 205 -3.89 4.24 23.45
CA PRO C 205 -2.76 4.57 22.58
C PRO C 205 -2.74 3.74 21.30
N SER C 206 -2.33 4.38 20.21
CA SER C 206 -2.29 3.77 18.88
C SER C 206 -0.87 3.45 18.43
N THR C 207 0.11 4.01 19.13
CA THR C 207 1.52 3.93 18.73
C THR C 207 2.16 2.66 19.27
N PHE C 208 3.14 2.14 18.55
CA PHE C 208 3.87 0.97 19.02
C PHE C 208 4.78 1.33 20.20
N GLY C 209 4.85 0.44 21.19
CA GLY C 209 5.82 0.58 22.28
C GLY C 209 5.43 -0.11 23.57
N GLU C 210 6.40 -0.22 24.48
CA GLU C 210 6.14 -0.72 25.82
C GLU C 210 5.33 0.30 26.62
N LYS C 211 4.67 -0.18 27.67
CA LYS C 211 3.83 0.66 28.51
C LYS C 211 4.60 1.86 29.04
N VAL C 212 3.97 3.03 28.99
CA VAL C 212 4.58 4.26 29.46
C VAL C 212 3.81 4.83 30.63
N LYS C 213 4.46 5.70 31.40
CA LYS C 213 3.79 6.43 32.46
C LYS C 213 2.72 7.29 31.80
N GLY C 214 1.54 7.29 32.42
CA GLY C 214 0.41 8.01 31.90
C GLY C 214 -0.71 7.09 31.46
N GLU C 215 -0.37 5.88 31.04
CA GLU C 215 -1.40 4.95 30.59
C GLU C 215 -2.39 4.58 31.70
N GLU C 216 -1.92 4.49 32.95
CA GLU C 216 -2.83 4.24 34.06
C GLU C 216 -3.84 5.39 34.22
N GLU C 217 -3.36 6.63 34.09
CA GLU C 217 -4.23 7.79 34.20
C GLU C 217 -5.22 7.82 33.03
N LEU C 218 -4.76 7.48 31.83
CA LEU C 218 -5.66 7.40 30.68
C LEU C 218 -6.78 6.41 30.92
N GLU C 219 -6.44 5.22 31.41
CA GLU C 219 -7.43 4.18 31.73
C GLU C 219 -8.45 4.67 32.75
N ARG C 220 -7.98 5.38 33.77
CA ARG C 220 -8.88 5.97 34.78
C ARG C 220 -9.84 6.99 34.16
N GLN C 221 -9.36 7.76 33.19
CA GLN C 221 -10.18 8.80 32.55
C GLN C 221 -11.03 8.27 31.41
N LYS C 222 -10.82 7.02 30.99
CA LYS C 222 -11.42 6.52 29.75
C LYS C 222 -12.94 6.66 29.73
N ALA C 223 -13.59 6.26 30.82
CA ALA C 223 -15.06 6.28 30.88
C ALA C 223 -15.64 7.68 30.63
N LYS C 224 -15.06 8.68 31.29
CA LYS C 224 -15.50 10.06 31.15
C LYS C 224 -15.16 10.63 29.76
N ARG C 225 -14.01 10.25 29.22
CA ARG C 225 -13.63 10.65 27.85
C ARG C 225 -14.63 10.12 26.84
N VAL C 226 -15.01 8.84 26.98
CA VAL C 226 -16.01 8.23 26.12
C VAL C 226 -17.37 8.93 26.26
N LYS C 227 -17.80 9.13 27.51
CA LYS C 227 -19.08 9.80 27.79
C LYS C 227 -19.13 11.19 27.12
N SER C 228 -18.05 11.95 27.26
CA SER C 228 -17.96 13.28 26.66
C SER C 228 -18.01 13.22 25.13
N ALA C 229 -17.34 12.22 24.55
CA ALA C 229 -17.32 12.09 23.10
C ALA C 229 -18.71 11.74 22.56
N ILE C 230 -19.47 10.96 23.33
CA ILE C 230 -20.83 10.61 22.95
C ILE C 230 -21.75 11.83 23.09
N LYS C 231 -21.63 12.56 24.20
CA LYS C 231 -22.44 13.77 24.42
C LYS C 231 -22.17 14.83 23.35
N ALA C 232 -20.93 14.88 22.87
CA ALA C 232 -20.55 15.83 21.81
C ALA C 232 -21.23 15.56 20.47
N LEU C 233 -21.76 14.35 20.29
CA LEU C 233 -22.56 14.05 19.09
C LEU C 233 -23.79 14.94 18.98
N TYR C 234 -24.31 15.41 20.12
CA TYR C 234 -25.49 16.29 20.11
C TYR C 234 -25.32 17.44 19.10
N SER C 235 -24.12 18.02 19.10
CA SER C 235 -23.77 19.14 18.21
C SER C 235 -23.94 18.79 16.72
N LEU C 236 -23.41 17.64 16.33
CA LEU C 236 -23.52 17.18 14.95
C LEU C 236 -24.96 16.90 14.52
N LEU C 237 -25.74 16.33 15.43
CA LEU C 237 -27.01 15.70 15.04
C LEU C 237 -28.25 16.58 15.25
N SER C 238 -28.14 17.65 16.02
CA SER C 238 -29.31 18.43 16.42
C SER C 238 -29.65 19.56 15.45
N GLY C 239 -28.68 19.95 14.62
CA GLY C 239 -28.86 21.04 13.68
C GLY C 239 -28.71 22.38 14.36
N LEU C 249 -20.66 26.21 10.81
CA LEU C 249 -21.67 25.51 10.02
C LEU C 249 -22.86 26.41 9.66
N PRO C 250 -23.53 26.12 8.53
CA PRO C 250 -24.71 26.89 8.17
C PRO C 250 -25.92 26.49 9.00
N SER C 251 -26.96 27.33 8.96
CA SER C 251 -28.21 27.03 9.64
C SER C 251 -28.84 25.79 9.00
N MET C 252 -29.27 24.85 9.84
CA MET C 252 -29.84 23.61 9.36
C MET C 252 -30.79 22.97 10.39
N LYS C 253 -31.75 22.22 9.87
CA LYS C 253 -32.82 21.60 10.66
C LYS C 253 -32.81 20.09 10.43
N LEU C 254 -32.78 19.31 11.52
CA LEU C 254 -32.80 17.85 11.44
C LEU C 254 -34.10 17.33 10.86
N MET C 255 -34.00 16.64 9.73
CA MET C 255 -35.17 16.05 9.08
C MET C 255 -35.35 14.60 9.47
N SER C 256 -34.26 13.83 9.40
CA SER C 256 -34.27 12.46 9.89
C SER C 256 -32.86 11.92 10.14
N LEU C 257 -32.81 10.84 10.90
CA LEU C 257 -31.56 10.10 11.10
C LEU C 257 -31.80 8.69 11.56
N VAL C 258 -30.83 7.82 11.28
CA VAL C 258 -30.70 6.55 11.95
C VAL C 258 -29.29 6.47 12.55
N VAL C 259 -29.24 6.13 13.83
CA VAL C 259 -27.98 5.94 14.51
C VAL C 259 -27.96 4.54 15.09
N THR C 260 -26.87 3.81 14.86
CA THR C 260 -26.73 2.45 15.33
C THR C 260 -25.58 2.32 16.34
N LYS C 261 -25.76 1.40 17.27
CA LYS C 261 -24.70 1.01 18.18
C LYS C 261 -24.55 -0.50 18.09
N THR C 262 -23.33 -0.91 17.75
CA THR C 262 -23.02 -2.31 17.47
C THR C 262 -21.73 -2.69 18.17
N ASP C 263 -21.50 -4.00 18.31
CA ASP C 263 -20.20 -4.50 18.79
C ASP C 263 -19.47 -5.14 17.61
N PHE C 264 -19.69 -4.58 16.43
CA PHE C 264 -19.02 -4.99 15.20
C PHE C 264 -19.03 -3.80 14.25
N PRO C 265 -18.13 -3.77 13.26
CA PRO C 265 -18.15 -2.64 12.32
C PRO C 265 -19.43 -2.61 11.50
N PHE C 266 -20.06 -1.43 11.44
CA PHE C 266 -21.30 -1.25 10.69
C PHE C 266 -21.47 0.22 10.30
N MET C 267 -21.87 0.45 9.05
CA MET C 267 -22.18 1.80 8.58
C MET C 267 -23.58 1.81 7.98
N PRO C 268 -24.51 2.59 8.56
CA PRO C 268 -25.81 2.77 7.94
C PRO C 268 -25.77 3.26 6.49
N GLU C 269 -26.90 3.14 5.80
CA GLU C 269 -27.02 3.61 4.42
C GLU C 269 -26.79 5.10 4.31
N PRO C 270 -26.07 5.53 3.26
CA PRO C 270 -26.10 6.96 2.95
C PRO C 270 -27.54 7.39 2.78
N ALA C 271 -27.87 8.59 3.23
CA ALA C 271 -29.27 9.04 3.29
C ALA C 271 -29.81 9.64 1.99
N HIS C 272 -29.44 9.08 0.84
CA HIS C 272 -29.93 9.59 -0.44
C HIS C 272 -31.33 9.06 -0.72
N ASP C 273 -31.46 7.74 -0.72
CA ASP C 273 -32.77 7.12 -0.91
C ASP C 273 -33.66 7.28 0.32
N ASP C 274 -34.93 7.62 0.11
CA ASP C 274 -35.90 7.75 1.19
C ASP C 274 -36.05 6.51 2.08
N ASP C 275 -35.71 5.34 1.54
CA ASP C 275 -35.78 4.08 2.30
C ASP C 275 -34.50 3.74 3.05
N TYR C 276 -33.59 4.72 3.21
CA TYR C 276 -32.27 4.44 3.80
C TYR C 276 -32.33 3.89 5.23
N ILE C 277 -33.35 4.30 5.98
CA ILE C 277 -33.51 3.85 7.36
C ILE C 277 -34.01 2.40 7.38
N LYS C 278 -35.05 2.15 6.60
CA LYS C 278 -35.58 0.80 6.42
C LYS C 278 -34.48 -0.17 6.00
N THR C 279 -33.70 0.23 5.00
CA THR C 279 -32.60 -0.59 4.49
C THR C 279 -31.49 -0.81 5.53
N THR C 280 -31.15 0.24 6.25
CA THR C 280 -30.14 0.15 7.31
C THR C 280 -30.54 -0.88 8.38
N ILE C 281 -31.79 -0.81 8.83
CA ILE C 281 -32.27 -1.69 9.89
C ILE C 281 -32.30 -3.16 9.42
N MET C 282 -32.72 -3.37 8.18
CA MET C 282 -32.66 -4.70 7.55
C MET C 282 -31.23 -5.21 7.51
N ARG C 283 -30.31 -4.36 7.05
CA ARG C 283 -28.90 -4.70 7.00
C ARG C 283 -28.28 -4.94 8.38
N LEU C 284 -28.69 -4.14 9.36
CA LEU C 284 -28.22 -4.27 10.73
C LEU C 284 -28.51 -5.66 11.31
N GLY C 285 -29.77 -6.08 11.19
CA GLY C 285 -30.22 -7.38 11.69
C GLY C 285 -29.45 -8.52 11.06
N LYS C 286 -29.27 -8.46 9.74
CA LYS C 286 -28.51 -9.47 9.02
C LYS C 286 -27.04 -9.49 9.47
N ALA C 287 -26.45 -8.31 9.62
CA ALA C 287 -25.04 -8.18 10.03
C ALA C 287 -24.78 -8.76 11.42
N LYS C 288 -25.70 -8.52 12.36
CA LYS C 288 -25.56 -9.07 13.71
C LYS C 288 -25.47 -10.59 13.65
N GLY C 289 -26.39 -11.21 12.90
CA GLY C 289 -26.42 -12.67 12.78
C GLY C 289 -25.17 -13.18 12.10
N VAL C 290 -24.89 -12.59 10.93
CA VAL C 290 -23.71 -12.93 10.13
C VAL C 290 -22.41 -12.89 10.91
N LEU C 291 -22.18 -11.79 11.62
CA LEU C 291 -20.92 -11.54 12.34
C LEU C 291 -20.92 -12.06 13.79
N ASN C 292 -21.98 -12.77 14.16
CA ASN C 292 -22.14 -13.30 15.52
C ASN C 292 -21.97 -12.19 16.58
N GLY C 293 -22.57 -11.03 16.30
CA GLY C 293 -22.51 -9.90 17.21
C GLY C 293 -23.43 -10.07 18.41
N ASN C 294 -23.07 -9.42 19.50
CA ASN C 294 -23.86 -9.44 20.73
C ASN C 294 -24.57 -8.12 21.02
N LEU C 295 -24.41 -7.15 20.12
CA LEU C 295 -25.05 -5.85 20.26
C LEU C 295 -25.35 -5.25 18.89
N ALA C 296 -26.61 -4.95 18.64
CA ALA C 296 -27.01 -4.26 17.42
C ALA C 296 -28.31 -3.54 17.70
N LYS C 297 -28.24 -2.24 17.97
CA LYS C 297 -29.47 -1.47 18.16
C LYS C 297 -29.47 -0.24 17.28
N ALA C 298 -30.66 0.18 16.88
CA ALA C 298 -30.84 1.35 16.05
C ALA C 298 -31.81 2.32 16.73
N TYR C 299 -31.49 3.61 16.67
CA TYR C 299 -32.43 4.65 17.09
C TYR C 299 -32.73 5.54 15.87
N VAL C 300 -33.99 5.96 15.76
CA VAL C 300 -34.47 6.73 14.63
C VAL C 300 -35.14 8.01 15.11
N ILE C 301 -34.87 9.10 14.41
CA ILE C 301 -35.64 10.33 14.51
C ILE C 301 -36.19 10.62 13.12
N ASN C 302 -37.48 10.93 13.04
CA ASN C 302 -38.16 11.13 11.76
C ASN C 302 -39.08 12.35 11.81
N ASN C 303 -38.57 13.47 11.31
CA ASN C 303 -39.35 14.71 11.16
C ASN C 303 -39.74 14.93 9.71
N GLU C 304 -39.72 13.84 8.94
CA GLU C 304 -39.75 13.91 7.49
C GLU C 304 -40.91 13.10 6.89
N GLY C 305 -41.54 12.25 7.68
CA GLY C 305 -42.64 11.41 7.20
C GLY C 305 -42.22 10.27 6.29
N ILE C 306 -40.93 9.97 6.23
CA ILE C 306 -40.43 8.87 5.39
C ILE C 306 -40.72 7.52 6.05
N GLU C 307 -40.47 6.44 5.31
CA GLU C 307 -40.79 5.09 5.75
C GLU C 307 -39.63 4.50 6.56
N VAL C 308 -39.87 4.17 7.83
CA VAL C 308 -38.81 3.59 8.68
C VAL C 308 -38.97 2.09 8.92
N GLY C 309 -40.19 1.58 8.74
CA GLY C 309 -40.45 0.15 8.89
C GLY C 309 -41.20 -0.21 10.16
N GLU C 310 -41.37 -1.51 10.36
CA GLU C 310 -42.34 -2.09 11.30
C GLU C 310 -42.04 -1.96 12.79
N GLY C 311 -40.81 -2.29 13.19
CA GLY C 311 -40.49 -2.46 14.62
C GLY C 311 -39.45 -1.48 15.14
N VAL C 312 -39.47 -0.27 14.60
CA VAL C 312 -38.40 0.70 14.86
C VAL C 312 -38.62 1.48 16.14
N THR C 313 -37.51 1.72 16.86
CA THR C 313 -37.50 2.61 18.01
C THR C 313 -37.31 4.06 17.56
N VAL C 314 -38.43 4.78 17.46
CA VAL C 314 -38.44 6.19 17.03
C VAL C 314 -38.41 7.12 18.23
N LEU C 315 -37.38 7.95 18.29
CA LEU C 315 -37.22 8.95 19.35
C LEU C 315 -37.72 10.31 18.88
N SER C 316 -37.93 11.22 19.83
CA SER C 316 -38.39 12.59 19.52
C SER C 316 -37.24 13.59 19.38
N THR C 317 -36.26 13.49 20.27
CA THR C 317 -35.18 14.47 20.34
C THR C 317 -33.79 13.84 20.32
N VAL C 318 -32.81 14.63 19.90
CA VAL C 318 -31.41 14.20 19.89
C VAL C 318 -30.88 14.07 21.32
N GLU C 319 -31.36 14.93 22.22
CA GLU C 319 -30.98 14.82 23.64
C GLU C 319 -31.34 13.43 24.20
N ASP C 320 -32.52 12.91 23.83
CA ASP C 320 -32.94 11.58 24.27
CA ASP C 320 -32.94 11.57 24.26
C ASP C 320 -32.01 10.50 23.70
N LEU C 321 -31.62 10.67 22.44
CA LEU C 321 -30.73 9.72 21.76
C LEU C 321 -29.37 9.62 22.48
N VAL C 322 -28.78 10.76 22.81
CA VAL C 322 -27.45 10.80 23.42
C VAL C 322 -27.39 10.02 24.73
N VAL C 323 -28.40 10.22 25.57
CA VAL C 323 -28.49 9.50 26.84
C VAL C 323 -28.53 7.99 26.63
N LYS C 324 -29.32 7.55 25.65
CA LYS C 324 -29.44 6.13 25.34
C LYS C 324 -28.14 5.52 24.85
N LEU C 325 -27.31 6.31 24.18
CA LEU C 325 -26.01 5.84 23.66
C LEU C 325 -24.90 5.71 24.71
N GLU C 326 -25.09 6.36 25.85
CA GLU C 326 -24.10 6.34 26.91
C GLU C 326 -23.91 4.94 27.48
N GLU C 327 -22.69 4.63 27.88
CA GLU C 327 -22.33 3.29 28.38
C GLU C 327 -22.87 3.00 29.78
N GLU C 328 -22.91 4.02 30.61
CA GLU C 328 -23.39 3.87 31.98
C GLU C 328 -24.50 4.85 32.26
N HIS D 5 -2.11 41.00 -19.98
CA HIS D 5 -1.63 39.77 -20.68
C HIS D 5 -0.92 38.86 -19.68
N HIS D 6 -1.63 38.57 -18.59
CA HIS D 6 -1.10 37.70 -17.57
C HIS D 6 -0.98 36.29 -18.15
N HIS D 7 0.20 35.70 -18.00
CA HIS D 7 0.44 34.32 -18.42
C HIS D 7 -0.09 33.34 -17.38
N MET D 8 -0.74 32.28 -17.85
CA MET D 8 -1.19 31.19 -16.98
C MET D 8 -0.81 29.84 -17.58
N ILE D 9 -0.57 28.88 -16.70
CA ILE D 9 -0.32 27.50 -17.09
C ILE D 9 -1.54 26.67 -16.71
N SER D 10 -2.13 25.98 -17.68
CA SER D 10 -3.33 25.16 -17.42
C SER D 10 -3.10 23.78 -17.98
N GLY D 11 -3.77 22.79 -17.40
CA GLY D 11 -3.60 21.43 -17.89
C GLY D 11 -4.69 20.46 -17.54
N SER D 12 -4.74 19.39 -18.33
CA SER D 12 -5.58 18.23 -18.07
C SER D 12 -4.68 17.01 -18.14
N VAL D 13 -4.79 16.13 -17.15
CA VAL D 13 -3.90 14.98 -17.02
C VAL D 13 -4.72 13.71 -16.88
N ARG D 14 -4.24 12.64 -17.50
CA ARG D 14 -4.86 11.32 -17.42
C ARG D 14 -3.91 10.33 -16.76
N PHE D 15 -4.37 9.71 -15.67
CA PHE D 15 -3.61 8.70 -14.92
C PHE D 15 -4.29 7.33 -14.98
N LEU D 16 -3.49 6.28 -15.02
CA LEU D 16 -3.99 4.92 -14.74
C LEU D 16 -3.74 4.67 -13.26
N VAL D 17 -4.82 4.49 -12.50
CA VAL D 17 -4.73 4.38 -11.05
C VAL D 17 -5.02 2.96 -10.62
N ASN D 18 -4.14 2.41 -9.78
CA ASN D 18 -4.36 1.10 -9.16
C ASN D 18 -5.41 1.25 -8.06
N LEU D 19 -6.54 0.57 -8.22
CA LEU D 19 -7.69 0.80 -7.33
C LEU D 19 -7.44 0.25 -5.93
N GLU D 20 -6.54 -0.73 -5.84
CA GLU D 20 -6.10 -1.27 -4.55
C GLU D 20 -5.49 -0.16 -3.70
N SER D 21 -4.59 0.61 -4.29
CA SER D 21 -3.92 1.71 -3.60
C SER D 21 -4.86 2.88 -3.29
N LEU D 22 -5.88 3.05 -4.12
CA LEU D 22 -6.87 4.11 -3.94
C LEU D 22 -8.02 3.62 -3.07
N HIS D 34 -11.96 8.77 3.14
CA HIS D 34 -11.86 8.47 1.72
C HIS D 34 -13.03 9.07 0.94
N ARG D 35 -12.71 9.93 -0.02
CA ARG D 35 -13.73 10.68 -0.75
C ARG D 35 -14.36 9.83 -1.84
N THR D 36 -15.65 10.05 -2.05
CA THR D 36 -16.34 9.47 -3.19
C THR D 36 -17.19 10.53 -3.86
N ALA D 37 -17.60 10.23 -5.08
CA ALA D 37 -18.58 11.05 -5.78
C ALA D 37 -19.80 10.17 -6.04
N PRO D 38 -21.00 10.70 -5.80
CA PRO D 38 -22.21 9.94 -6.16
C PRO D 38 -22.43 9.90 -7.67
N VAL D 39 -22.86 8.74 -8.14
CA VAL D 39 -23.20 8.52 -9.54
C VAL D 39 -24.68 8.16 -9.60
N VAL D 40 -25.46 9.02 -10.27
CA VAL D 40 -26.90 8.89 -10.33
C VAL D 40 -27.30 8.18 -11.63
N LEU D 41 -28.06 7.09 -11.50
CA LEU D 41 -28.50 6.36 -12.68
C LEU D 41 -29.99 6.07 -12.61
N LYS D 42 -30.66 6.30 -13.73
CA LYS D 42 -32.10 6.14 -13.83
C LYS D 42 -32.43 4.66 -13.89
N THR D 43 -33.43 4.26 -13.12
CA THR D 43 -33.99 2.92 -13.17
C THR D 43 -35.46 3.02 -13.56
N SER D 44 -36.03 1.92 -14.03
CA SER D 44 -37.44 1.89 -14.43
C SER D 44 -38.34 2.43 -13.32
N THR D 45 -38.04 2.03 -12.10
CA THR D 45 -38.79 2.46 -10.92
C THR D 45 -38.46 3.90 -10.48
N GLY D 46 -37.18 4.24 -10.42
CA GLY D 46 -36.76 5.58 -9.97
C GLY D 46 -35.32 5.93 -10.28
N TYR D 47 -34.54 6.20 -9.24
CA TYR D 47 -33.10 6.45 -9.36
C TYR D 47 -32.32 5.56 -8.40
N LEU D 48 -31.12 5.18 -8.82
CA LEU D 48 -30.16 4.52 -7.93
C LEU D 48 -28.91 5.38 -7.85
N VAL D 49 -28.39 5.51 -6.64
CA VAL D 49 -27.16 6.25 -6.40
C VAL D 49 -26.05 5.25 -6.10
N ARG D 50 -25.01 5.26 -6.94
CA ARG D 50 -23.78 4.50 -6.70
C ARG D 50 -22.66 5.49 -6.39
N TYR D 51 -21.47 4.96 -6.09
CA TYR D 51 -20.36 5.78 -5.63
C TYR D 51 -19.05 5.30 -6.24
N VAL D 52 -18.22 6.25 -6.67
CA VAL D 52 -16.87 5.94 -7.15
C VAL D 52 -15.84 6.69 -6.31
N PRO D 53 -14.64 6.12 -6.13
CA PRO D 53 -13.58 6.83 -5.41
C PRO D 53 -13.10 8.06 -6.18
N VAL D 54 -12.84 9.14 -5.45
CA VAL D 54 -12.25 10.34 -6.03
C VAL D 54 -11.21 10.92 -5.08
N ILE D 55 -10.42 11.84 -5.59
CA ILE D 55 -9.46 12.58 -4.79
C ILE D 55 -9.80 14.05 -4.95
N SER D 56 -9.95 14.75 -3.83
CA SER D 56 -10.40 16.14 -3.85
C SER D 56 -9.29 17.04 -4.33
N GLY D 57 -9.68 18.19 -4.88
CA GLY D 57 -8.73 19.24 -5.21
C GLY D 57 -7.96 19.76 -4.00
N GLU D 58 -8.62 19.75 -2.83
CA GLU D 58 -8.00 20.15 -1.59
C GLU D 58 -6.87 19.18 -1.19
N ALA D 59 -7.07 17.88 -1.43
CA ALA D 59 -6.04 16.88 -1.20
C ALA D 59 -4.87 17.06 -2.19
N LEU D 60 -5.18 17.32 -3.45
CA LEU D 60 -4.15 17.59 -4.45
C LEU D 60 -3.36 18.86 -4.07
N ALA D 61 -4.08 19.88 -3.63
CA ALA D 61 -3.45 21.14 -3.22
C ALA D 61 -2.54 20.95 -2.02
N HIS D 62 -2.90 20.03 -1.13
CA HIS D 62 -2.06 19.73 0.04
C HIS D 62 -0.74 19.10 -0.40
N ALA D 63 -0.84 18.12 -1.29
CA ALA D 63 0.35 17.50 -1.89
C ALA D 63 1.22 18.53 -2.58
N TYR D 64 0.62 19.36 -3.43
CA TYR D 64 1.34 20.42 -4.15
C TYR D 64 2.07 21.35 -3.19
N GLN D 65 1.38 21.80 -2.15
CA GLN D 65 1.96 22.76 -1.22
C GLN D 65 3.10 22.15 -0.41
N ALA D 66 2.96 20.87 -0.02
CA ALA D 66 4.03 20.14 0.66
C ALA D 66 5.27 20.01 -0.22
N SER D 67 5.05 19.74 -1.52
CA SER D 67 6.14 19.72 -2.50
C SER D 67 6.81 21.07 -2.64
N LEU D 68 5.99 22.12 -2.65
CA LEU D 68 6.51 23.49 -2.74
C LEU D 68 7.32 23.87 -1.50
N VAL D 69 6.88 23.43 -0.31
CA VAL D 69 7.64 23.64 0.93
C VAL D 69 9.06 23.10 0.77
N ASP D 70 9.17 21.87 0.28
CA ASP D 70 10.46 21.20 0.12
C ASP D 70 11.34 21.89 -0.91
N ILE D 71 10.76 22.24 -2.05
CA ILE D 71 11.49 22.96 -3.09
C ILE D 71 11.93 24.33 -2.58
N ALA D 72 11.02 25.05 -1.95
CA ALA D 72 11.29 26.40 -1.44
C ALA D 72 12.45 26.39 -0.45
N LYS D 73 12.42 25.45 0.48
CA LYS D 73 13.47 25.31 1.47
C LYS D 73 14.83 25.06 0.81
N LYS D 74 14.87 24.12 -0.13
CA LYS D 74 16.08 23.83 -0.90
C LYS D 74 16.60 25.07 -1.64
N GLU D 75 15.68 25.86 -2.20
CA GLU D 75 16.07 27.00 -3.02
C GLU D 75 16.37 28.28 -2.23
N GLY D 76 16.03 28.29 -0.95
CA GLY D 76 16.27 29.44 -0.09
C GLY D 76 15.15 30.46 -0.03
N LEU D 77 13.98 30.09 -0.54
CA LEU D 77 12.79 30.97 -0.48
C LEU D 77 12.18 30.92 0.92
N PRO D 78 11.52 32.01 1.34
CA PRO D 78 10.92 32.00 2.68
C PRO D 78 9.72 31.07 2.79
N VAL D 79 9.74 30.20 3.81
CA VAL D 79 8.59 29.36 4.15
C VAL D 79 8.27 29.66 5.60
N GLY D 80 6.99 29.80 5.91
CA GLY D 80 6.56 30.22 7.25
C GLY D 80 6.85 29.17 8.30
N SER D 81 6.72 29.56 9.56
CA SER D 81 6.98 28.68 10.70
C SER D 81 6.12 27.41 10.63
N LEU D 82 4.83 27.60 10.40
CA LEU D 82 3.89 26.50 10.39
C LEU D 82 3.94 25.72 9.07
N SER D 83 3.98 26.45 7.95
CA SER D 83 4.09 25.83 6.63
C SER D 83 5.35 24.96 6.52
N SER D 84 6.43 25.37 7.17
CA SER D 84 7.68 24.61 7.18
C SER D 84 7.52 23.17 7.68
N GLN D 85 6.54 22.95 8.57
CA GLN D 85 6.22 21.60 9.04
C GLN D 85 4.88 21.11 8.52
N TYR D 86 4.49 21.61 7.34
CA TYR D 86 3.32 21.15 6.59
C TYR D 86 2.00 21.37 7.33
N GLU D 87 1.99 22.37 8.21
CA GLU D 87 0.78 22.81 8.88
C GLU D 87 0.32 24.03 8.12
N PHE D 88 -0.69 23.84 7.28
CA PHE D 88 -1.13 24.89 6.37
C PHE D 88 -2.32 25.71 6.87
N ILE D 89 -2.35 25.95 8.18
CA ILE D 89 -3.25 26.92 8.79
C ILE D 89 -3.13 28.30 8.11
N LYS D 90 -1.92 28.60 7.62
CA LYS D 90 -1.64 29.77 6.77
C LYS D 90 -2.27 31.06 7.26
N PHE D 91 -1.85 31.50 8.44
CA PHE D 91 -2.16 32.86 8.90
C PHE D 91 -3.67 33.13 9.04
N SER D 92 -4.46 32.08 9.27
CA SER D 92 -5.92 32.22 9.24
C SER D 92 -6.52 32.67 10.58
N THR D 93 -5.73 32.58 11.65
CA THR D 93 -6.18 32.91 13.01
C THR D 93 -5.18 33.82 13.70
N ASP D 94 -5.64 34.53 14.72
CA ASP D 94 -4.75 35.44 15.48
C ASP D 94 -3.62 34.67 16.18
N GLU D 95 -3.90 33.43 16.57
CA GLU D 95 -2.88 32.57 17.16
C GLU D 95 -1.79 32.21 16.14
N ALA D 96 -2.19 31.85 14.93
CA ALA D 96 -1.24 31.61 13.83
C ALA D 96 -0.35 32.84 13.65
N LEU D 97 -0.97 34.01 13.65
CA LEU D 97 -0.23 35.27 13.47
C LEU D 97 0.77 35.47 14.60
N LYS D 98 0.36 35.15 15.83
CA LYS D 98 1.24 35.29 16.99
C LYS D 98 2.44 34.38 16.79
N ILE D 99 2.18 33.13 16.43
CA ILE D 99 3.26 32.17 16.18
C ILE D 99 4.21 32.69 15.11
N GLU D 100 3.64 33.21 14.01
CA GLU D 100 4.43 33.69 12.87
C GLU D 100 5.08 35.07 13.09
N GLY D 101 4.59 35.82 14.05
CA GLY D 101 5.18 37.13 14.40
C GLY D 101 4.70 38.27 13.52
N ILE D 102 3.45 38.16 13.07
CA ILE D 102 2.83 39.16 12.20
C ILE D 102 1.68 39.83 12.93
N LYS D 103 1.69 41.15 13.01
CA LYS D 103 0.60 41.88 13.66
C LYS D 103 -0.66 41.80 12.81
N GLU D 104 -1.80 41.57 13.45
CA GLU D 104 -3.06 41.46 12.71
C GLU D 104 -3.38 42.78 12.01
N PRO D 105 -4.17 42.72 10.93
CA PRO D 105 -4.58 43.96 10.28
C PRO D 105 -5.48 44.80 11.20
N LYS D 106 -5.12 46.06 11.39
CA LYS D 106 -5.87 46.98 12.25
C LYS D 106 -7.26 47.23 11.69
N ASP D 107 -7.32 47.41 10.37
CA ASP D 107 -8.57 47.69 9.67
C ASP D 107 -8.37 47.45 8.17
N TYR D 108 -9.40 47.71 7.37
CA TYR D 108 -9.36 47.43 5.93
C TYR D 108 -8.25 48.20 5.18
N ASN D 109 -7.85 49.36 5.70
CA ASN D 109 -6.70 50.10 5.14
C ASN D 109 -5.35 49.44 5.40
N ASP D 110 -5.31 48.51 6.35
CA ASP D 110 -4.11 47.78 6.74
C ASP D 110 -4.02 46.41 6.03
N ALA D 111 -4.97 46.13 5.15
CA ALA D 111 -5.05 44.81 4.50
C ALA D 111 -3.84 44.54 3.63
N ARG D 112 -3.43 45.52 2.83
CA ARG D 112 -2.31 45.38 1.91
C ARG D 112 -1.00 45.15 2.65
N ARG D 113 -0.72 45.98 3.67
CA ARG D 113 0.46 45.78 4.54
C ARG D 113 0.52 44.34 5.02
N PHE D 114 -0.59 43.87 5.58
CA PHE D 114 -0.69 42.53 6.14
C PHE D 114 -0.45 41.43 5.09
N GLU D 115 -1.13 41.53 3.94
CA GLU D 115 -0.97 40.54 2.86
C GLU D 115 0.49 40.44 2.43
N VAL D 116 1.11 41.58 2.20
CA VAL D 116 2.50 41.62 1.75
C VAL D 116 3.43 41.00 2.79
N GLU D 117 3.19 41.32 4.06
CA GLU D 117 4.02 40.77 5.13
C GLU D 117 3.84 39.25 5.21
N VAL D 118 2.61 38.78 5.05
CA VAL D 118 2.33 37.35 5.02
C VAL D 118 3.08 36.70 3.85
N MET D 119 2.95 37.29 2.67
CA MET D 119 3.61 36.76 1.47
C MET D 119 5.13 36.72 1.60
N LEU D 120 5.72 37.77 2.17
CA LEU D 120 7.17 37.79 2.43
C LEU D 120 7.59 36.69 3.42
N LYS D 121 6.74 36.39 4.39
CA LYS D 121 7.02 35.37 5.39
C LYS D 121 6.93 33.96 4.81
N ASP D 122 6.02 33.75 3.87
CA ASP D 122 5.65 32.39 3.48
C ASP D 122 5.21 32.28 2.02
N VAL D 123 6.07 31.69 1.19
CA VAL D 123 5.74 31.52 -0.24
C VAL D 123 4.53 30.61 -0.45
N ILE D 124 4.26 29.74 0.51
CA ILE D 124 3.08 28.86 0.43
C ILE D 124 1.81 29.69 0.49
N ALA D 125 1.79 30.71 1.36
CA ALA D 125 0.64 31.60 1.47
C ALA D 125 0.49 32.49 0.22
N ASP D 126 1.62 32.79 -0.43
CA ASP D 126 1.64 33.55 -1.67
C ASP D 126 1.00 32.70 -2.78
N VAL D 127 1.65 31.59 -3.10
CA VAL D 127 1.20 30.74 -4.22
C VAL D 127 -0.14 30.06 -3.93
N GLY D 128 -0.28 29.52 -2.72
CA GLY D 128 -1.44 28.73 -2.33
C GLY D 128 -2.58 29.52 -1.73
N GLY D 129 -2.36 30.82 -1.55
CA GLY D 129 -3.38 31.68 -0.97
C GLY D 129 -3.53 31.50 0.52
N PHE D 130 -4.35 32.36 1.11
CA PHE D 130 -4.67 32.27 2.52
C PHE D 130 -5.94 33.07 2.81
N MET D 131 -6.54 32.80 3.97
CA MET D 131 -7.78 33.45 4.40
C MET D 131 -7.67 33.75 5.89
N TYR D 132 -7.43 35.02 6.22
CA TYR D 132 -7.41 35.47 7.60
C TYR D 132 -8.82 35.95 7.97
N ALA D 133 -9.42 35.28 8.95
CA ALA D 133 -10.82 35.52 9.32
C ALA D 133 -10.97 36.17 10.70
N GLY D 134 -10.02 37.03 11.06
CA GLY D 134 -10.09 37.79 12.30
C GLY D 134 -10.90 39.05 12.14
N GLY D 135 -10.59 40.05 12.97
CA GLY D 135 -11.38 41.30 13.06
C GLY D 135 -11.54 42.08 11.76
N ALA D 136 -10.45 42.20 11.01
CA ALA D 136 -10.48 42.83 9.69
C ALA D 136 -10.02 41.78 8.69
N PRO D 137 -10.96 40.99 8.14
CA PRO D 137 -10.58 39.84 7.32
C PRO D 137 -9.83 40.22 6.06
N VAL D 138 -8.93 39.32 5.64
CA VAL D 138 -8.16 39.49 4.41
C VAL D 138 -8.08 38.13 3.71
N ARG D 139 -8.39 38.11 2.42
CA ARG D 139 -8.38 36.89 1.62
C ARG D 139 -7.44 37.06 0.45
N ARG D 140 -6.59 36.06 0.24
CA ARG D 140 -5.77 35.97 -0.97
C ARG D 140 -6.13 34.63 -1.61
N THR D 141 -6.77 34.68 -2.77
CA THR D 141 -7.15 33.47 -3.48
C THR D 141 -5.90 32.73 -3.94
N SER D 142 -5.98 31.41 -3.99
CA SER D 142 -4.86 30.59 -4.45
C SER D 142 -4.56 30.83 -5.93
N ARG D 143 -3.28 30.95 -6.25
CA ARG D 143 -2.83 31.00 -7.65
C ARG D 143 -2.78 29.60 -8.27
N ILE D 144 -2.72 28.56 -7.44
CA ILE D 144 -2.79 27.17 -7.92
C ILE D 144 -4.22 26.65 -7.70
N LYS D 145 -4.88 26.30 -8.79
CA LYS D 145 -6.28 25.89 -8.75
C LYS D 145 -6.39 24.45 -9.24
N LEU D 146 -6.97 23.60 -8.42
CA LEU D 146 -6.99 22.16 -8.69
C LEU D 146 -8.41 21.60 -8.58
N GLY D 147 -8.84 20.89 -9.60
CA GLY D 147 -10.13 20.20 -9.55
C GLY D 147 -9.98 18.85 -8.87
N TYR D 148 -11.09 18.14 -8.70
CA TYR D 148 -11.07 16.76 -8.21
C TYR D 148 -10.43 15.85 -9.24
N MET D 149 -9.82 14.77 -8.78
CA MET D 149 -9.42 13.68 -9.65
C MET D 149 -10.53 12.64 -9.63
N ILE D 150 -11.16 12.44 -10.79
CA ILE D 150 -12.34 11.59 -10.90
C ILE D 150 -12.13 10.55 -12.00
N PRO D 151 -12.91 9.45 -11.98
CA PRO D 151 -12.78 8.47 -13.04
C PRO D 151 -13.02 9.08 -14.44
N ALA D 152 -12.27 8.60 -15.43
CA ALA D 152 -12.49 9.02 -16.80
C ALA D 152 -13.82 8.41 -17.23
N LEU D 153 -14.75 9.27 -17.63
CA LEU D 153 -16.10 8.87 -17.96
C LEU D 153 -16.12 8.65 -19.47
N ARG D 154 -15.54 7.51 -19.85
CA ARG D 154 -15.17 7.21 -21.23
C ARG D 154 -16.28 6.44 -21.95
N GLY D 155 -16.91 5.51 -21.23
CA GLY D 155 -18.01 4.72 -21.78
C GLY D 155 -18.66 3.82 -20.73
N GLU D 185 -11.15 -8.70 -12.13
CA GLU D 185 -10.48 -8.96 -13.41
C GLU D 185 -9.39 -7.94 -13.71
N VAL D 186 -9.77 -6.65 -13.70
CA VAL D 186 -8.84 -5.55 -13.93
C VAL D 186 -8.82 -4.64 -12.69
N SER D 187 -7.63 -4.38 -12.16
CA SER D 187 -7.46 -3.73 -10.86
C SER D 187 -7.21 -2.22 -10.95
N SER D 188 -7.06 -1.71 -12.17
CA SER D 188 -6.77 -0.30 -12.39
C SER D 188 -7.87 0.38 -13.21
N ALA D 189 -7.92 1.71 -13.14
CA ALA D 189 -8.89 2.48 -13.91
C ALA D 189 -8.34 3.87 -14.26
N LEU D 190 -8.91 4.46 -15.30
CA LEU D 190 -8.46 5.76 -15.78
C LEU D 190 -9.06 6.87 -14.94
N TYR D 191 -8.19 7.78 -14.50
CA TYR D 191 -8.57 8.96 -13.74
C TYR D 191 -8.04 10.22 -14.39
N THR D 192 -8.74 11.33 -14.18
CA THR D 192 -8.30 12.62 -14.70
C THR D 192 -8.53 13.75 -13.70
N PHE D 193 -7.65 14.74 -13.77
CA PHE D 193 -7.90 16.03 -13.12
C PHE D 193 -7.36 17.16 -14.01
N SER D 194 -7.81 18.37 -13.71
CA SER D 194 -7.36 19.57 -14.40
C SER D 194 -6.86 20.56 -13.36
N PHE D 195 -6.00 21.46 -13.81
CA PHE D 195 -5.41 22.47 -12.94
C PHE D 195 -5.14 23.74 -13.71
N GLU D 196 -4.96 24.82 -12.95
CA GLU D 196 -4.55 26.10 -13.49
C GLU D 196 -3.57 26.73 -12.50
N LEU D 197 -2.45 27.22 -13.02
CA LEU D 197 -1.48 27.98 -12.22
C LEU D 197 -1.36 29.39 -12.80
N ASP D 198 -1.80 30.37 -12.02
CA ASP D 198 -1.74 31.76 -12.43
C ASP D 198 -0.36 32.31 -12.10
N GLU D 199 0.63 31.88 -12.89
CA GLU D 199 2.03 32.14 -12.58
C GLU D 199 2.39 33.63 -12.50
N ASP D 200 1.79 34.44 -13.36
CA ASP D 200 2.10 35.88 -13.37
C ASP D 200 1.48 36.65 -12.21
N LEU D 201 0.63 36.00 -11.42
CA LEU D 201 0.07 36.64 -10.22
C LEU D 201 0.70 36.12 -8.94
N ILE D 202 1.71 35.26 -9.06
CA ILE D 202 2.55 34.87 -7.93
C ILE D 202 3.37 36.09 -7.49
N ALA D 203 3.45 36.30 -6.17
CA ALA D 203 4.19 37.43 -5.57
C ALA D 203 3.58 38.80 -5.89
N VAL D 204 2.37 38.81 -6.44
CA VAL D 204 1.64 40.03 -6.75
C VAL D 204 0.54 40.19 -5.71
N PRO D 205 0.53 41.31 -4.96
CA PRO D 205 -0.57 41.52 -4.01
C PRO D 205 -1.94 41.59 -4.68
N SER D 206 -2.95 41.03 -4.02
CA SER D 206 -4.32 40.99 -4.52
C SER D 206 -5.27 41.95 -3.79
N THR D 207 -4.86 42.44 -2.63
CA THR D 207 -5.73 43.28 -1.79
C THR D 207 -5.77 44.72 -2.28
N PHE D 208 -6.88 45.39 -1.97
CA PHE D 208 -7.06 46.79 -2.31
C PHE D 208 -6.19 47.64 -1.39
N GLY D 209 -5.50 48.61 -1.98
CA GLY D 209 -4.79 49.60 -1.19
C GLY D 209 -3.58 50.19 -1.86
N GLU D 210 -3.04 51.24 -1.23
CA GLU D 210 -1.84 51.90 -1.69
C GLU D 210 -0.63 50.96 -1.56
N LYS D 211 0.35 51.18 -2.42
CA LYS D 211 1.59 50.40 -2.41
C LYS D 211 2.27 50.42 -1.04
N VAL D 212 2.69 49.26 -0.54
CA VAL D 212 3.46 49.17 0.71
C VAL D 212 4.93 48.83 0.44
N LYS D 213 5.76 49.12 1.43
CA LYS D 213 7.22 49.07 1.28
C LYS D 213 7.71 47.70 0.81
N GLY D 214 7.23 46.64 1.45
CA GLY D 214 7.69 45.27 1.18
C GLY D 214 7.44 44.76 -0.23
N GLU D 215 6.66 45.49 -1.02
CA GLU D 215 6.37 45.09 -2.39
C GLU D 215 7.62 45.05 -3.27
N GLU D 216 8.58 45.93 -3.00
CA GLU D 216 9.85 45.90 -3.71
C GLU D 216 10.53 44.54 -3.57
N GLU D 217 10.53 43.99 -2.36
CA GLU D 217 11.17 42.71 -2.08
C GLU D 217 10.41 41.54 -2.70
N LEU D 218 9.09 41.59 -2.66
CA LEU D 218 8.27 40.62 -3.40
C LEU D 218 8.63 40.60 -4.88
N GLU D 219 8.75 41.77 -5.50
CA GLU D 219 9.18 41.86 -6.90
C GLU D 219 10.56 41.23 -7.12
N ARG D 220 11.50 41.46 -6.20
CA ARG D 220 12.83 40.82 -6.28
C ARG D 220 12.74 39.30 -6.28
N GLN D 221 11.84 38.76 -5.46
CA GLN D 221 11.73 37.30 -5.28
C GLN D 221 10.84 36.64 -6.32
N LYS D 222 10.12 37.44 -7.10
CA LYS D 222 9.06 36.90 -7.97
C LYS D 222 9.57 35.80 -8.92
N ALA D 223 10.67 36.03 -9.62
CA ALA D 223 11.15 35.04 -10.60
C ALA D 223 11.45 33.70 -9.93
N LYS D 224 12.07 33.76 -8.75
CA LYS D 224 12.41 32.55 -7.99
C LYS D 224 11.16 31.84 -7.46
N ARG D 225 10.20 32.62 -6.97
CA ARG D 225 8.91 32.06 -6.52
C ARG D 225 8.14 31.37 -7.65
N VAL D 226 8.09 32.00 -8.82
CA VAL D 226 7.43 31.42 -9.97
C VAL D 226 8.09 30.08 -10.39
N LYS D 227 9.42 30.08 -10.47
CA LYS D 227 10.17 28.88 -10.85
C LYS D 227 9.88 27.73 -9.90
N SER D 228 9.91 28.01 -8.59
CA SER D 228 9.57 27.02 -7.57
C SER D 228 8.13 26.50 -7.69
N ALA D 229 7.19 27.40 -7.97
CA ALA D 229 5.78 27.01 -8.12
C ALA D 229 5.58 26.10 -9.33
N ILE D 230 6.30 26.37 -10.40
CA ILE D 230 6.29 25.51 -11.59
C ILE D 230 6.93 24.13 -11.28
N LYS D 231 8.08 24.15 -10.62
CA LYS D 231 8.76 22.90 -10.23
C LYS D 231 7.88 22.02 -9.36
N ALA D 232 7.06 22.65 -8.52
CA ALA D 232 6.16 21.91 -7.63
C ALA D 232 5.04 21.18 -8.38
N LEU D 233 4.83 21.50 -9.66
CA LEU D 233 3.88 20.75 -10.49
C LEU D 233 4.35 19.31 -10.74
N TYR D 234 5.65 19.06 -10.63
CA TYR D 234 6.19 17.73 -10.90
C TYR D 234 5.47 16.65 -10.09
N SER D 235 5.26 16.94 -8.81
CA SER D 235 4.58 16.03 -7.88
C SER D 235 3.20 15.60 -8.37
N LEU D 236 2.42 16.55 -8.86
CA LEU D 236 1.07 16.27 -9.33
C LEU D 236 1.03 15.61 -10.72
N LEU D 237 1.91 16.05 -11.61
CA LEU D 237 1.86 15.63 -13.01
C LEU D 237 2.56 14.30 -13.28
N SER D 238 3.58 13.99 -12.50
CA SER D 238 4.23 12.69 -12.61
C SER D 238 3.41 11.65 -11.84
N GLY D 239 3.83 10.40 -11.90
CA GLY D 239 3.14 9.33 -11.17
C GLY D 239 3.29 9.37 -9.64
N ASN D 240 4.02 10.36 -9.14
CA ASN D 240 4.38 10.45 -7.72
C ASN D 240 3.43 11.36 -6.94
N LEU D 249 -2.12 10.97 -2.23
CA LEU D 249 -2.15 10.38 -3.56
C LEU D 249 -1.96 8.86 -3.50
N PRO D 250 -2.65 8.13 -4.39
CA PRO D 250 -2.42 6.70 -4.57
C PRO D 250 -1.34 6.41 -5.61
N SER D 251 -1.13 5.13 -5.90
CA SER D 251 -0.19 4.71 -6.93
C SER D 251 -0.80 4.92 -8.30
N MET D 252 -0.11 5.66 -9.17
CA MET D 252 -0.62 5.92 -10.51
C MET D 252 0.45 6.18 -11.58
N LYS D 253 0.07 5.88 -12.81
CA LYS D 253 0.92 5.93 -13.99
C LYS D 253 0.41 7.01 -14.94
N LEU D 254 1.28 7.91 -15.38
CA LEU D 254 0.91 8.97 -16.31
C LEU D 254 0.61 8.38 -17.68
N MET D 255 -0.64 8.48 -18.12
CA MET D 255 -1.04 7.98 -19.43
C MET D 255 -0.80 9.07 -20.49
N SER D 256 -1.36 10.25 -20.24
CA SER D 256 -1.12 11.39 -21.10
C SER D 256 -1.49 12.69 -20.40
N LEU D 257 -1.00 13.79 -20.94
CA LEU D 257 -1.44 15.11 -20.52
C LEU D 257 -1.27 16.13 -21.65
N VAL D 258 -2.03 17.21 -21.54
CA VAL D 258 -1.82 18.38 -22.36
C VAL D 258 -1.80 19.56 -21.40
N VAL D 259 -0.73 20.35 -21.49
CA VAL D 259 -0.55 21.52 -20.66
C VAL D 259 -0.36 22.73 -21.59
N THR D 260 -1.11 23.79 -21.33
CA THR D 260 -1.03 25.00 -22.15
C THR D 260 -0.45 26.16 -21.35
N LYS D 261 0.24 27.04 -22.07
CA LYS D 261 0.65 28.34 -21.55
C LYS D 261 0.05 29.42 -22.45
N THR D 262 -0.72 30.31 -21.84
CA THR D 262 -1.50 31.30 -22.56
C THR D 262 -1.44 32.66 -21.87
N ASP D 263 -1.59 33.73 -22.64
CA ASP D 263 -1.70 35.07 -22.08
C ASP D 263 -3.16 35.52 -22.01
N PHE D 264 -4.03 34.54 -21.80
CA PHE D 264 -5.47 34.74 -21.63
C PHE D 264 -6.01 33.54 -20.86
N PRO D 265 -7.15 33.71 -20.17
CA PRO D 265 -7.72 32.55 -19.46
C PRO D 265 -8.07 31.41 -20.39
N PHE D 266 -7.60 30.21 -20.05
CA PHE D 266 -7.86 29.02 -20.85
C PHE D 266 -7.79 27.76 -20.00
N MET D 267 -8.75 26.86 -20.23
CA MET D 267 -8.74 25.54 -19.59
C MET D 267 -8.86 24.45 -20.65
N PRO D 268 -7.87 23.55 -20.74
CA PRO D 268 -7.99 22.39 -21.61
C PRO D 268 -9.18 21.48 -21.28
N GLU D 269 -9.54 20.63 -22.25
CA GLU D 269 -10.62 19.69 -22.08
C GLU D 269 -10.33 18.71 -20.97
N PRO D 270 -11.35 18.38 -20.16
CA PRO D 270 -11.19 17.30 -19.20
C PRO D 270 -10.88 16.03 -19.98
N ALA D 271 -10.07 15.15 -19.40
CA ALA D 271 -9.53 14.01 -20.12
C ALA D 271 -10.47 12.79 -20.08
N HIS D 272 -11.76 13.01 -20.24
CA HIS D 272 -12.73 11.91 -20.29
C HIS D 272 -12.64 11.15 -21.60
N ASP D 273 -12.67 11.90 -22.71
CA ASP D 273 -12.65 11.31 -24.05
C ASP D 273 -11.23 11.21 -24.60
N ASP D 274 -10.99 10.19 -25.43
CA ASP D 274 -9.66 9.98 -26.02
C ASP D 274 -9.21 11.13 -26.93
N ASP D 275 -10.17 11.89 -27.47
CA ASP D 275 -9.86 13.07 -28.30
C ASP D 275 -9.68 14.38 -27.53
N TYR D 276 -9.49 14.30 -26.21
CA TYR D 276 -9.40 15.52 -25.39
C TYR D 276 -8.21 16.43 -25.75
N ILE D 277 -7.12 15.84 -26.23
CA ILE D 277 -5.95 16.62 -26.60
C ILE D 277 -6.18 17.34 -27.94
N LYS D 278 -6.66 16.59 -28.92
CA LYS D 278 -7.11 17.16 -30.20
C LYS D 278 -8.09 18.32 -29.99
N THR D 279 -9.12 18.06 -29.19
CA THR D 279 -10.15 19.07 -28.90
C THR D 279 -9.59 20.32 -28.20
N THR D 280 -8.66 20.09 -27.26
CA THR D 280 -7.97 21.17 -26.56
C THR D 280 -7.21 22.08 -27.54
N ILE D 281 -6.46 21.48 -28.46
CA ILE D 281 -5.67 22.24 -29.42
C ILE D 281 -6.59 23.07 -30.34
N MET D 282 -7.69 22.46 -30.79
CA MET D 282 -8.68 23.17 -31.60
C MET D 282 -9.25 24.38 -30.85
N ARG D 283 -9.71 24.13 -29.63
CA ARG D 283 -10.25 25.21 -28.78
C ARG D 283 -9.22 26.30 -28.48
N LEU D 284 -7.97 25.90 -28.28
CA LEU D 284 -6.87 26.83 -28.00
C LEU D 284 -6.70 27.85 -29.12
N GLY D 285 -6.63 27.35 -30.36
CA GLY D 285 -6.55 28.22 -31.54
C GLY D 285 -7.73 29.17 -31.65
N LYS D 286 -8.93 28.65 -31.44
CA LYS D 286 -10.15 29.46 -31.50
C LYS D 286 -10.17 30.54 -30.42
N ALA D 287 -9.85 30.15 -29.19
CA ALA D 287 -9.79 31.07 -28.05
C ALA D 287 -8.72 32.14 -28.24
N LYS D 288 -7.56 31.75 -28.75
CA LYS D 288 -6.49 32.72 -29.01
C LYS D 288 -6.98 33.83 -29.94
N GLY D 289 -7.76 33.45 -30.96
CA GLY D 289 -8.31 34.40 -31.91
C GLY D 289 -9.39 35.29 -31.31
N VAL D 290 -10.39 34.67 -30.69
CA VAL D 290 -11.52 35.43 -30.12
C VAL D 290 -11.10 36.37 -29.00
N LEU D 291 -10.14 35.93 -28.19
CA LEU D 291 -9.69 36.71 -27.03
C LEU D 291 -8.51 37.62 -27.37
N ASN D 292 -7.98 37.47 -28.58
CA ASN D 292 -6.91 38.32 -29.09
C ASN D 292 -5.61 38.12 -28.31
N GLY D 293 -5.30 36.85 -28.02
CA GLY D 293 -4.09 36.50 -27.30
C GLY D 293 -2.86 36.58 -28.19
N ASN D 294 -1.71 36.79 -27.55
CA ASN D 294 -0.41 36.77 -28.22
C ASN D 294 0.36 35.47 -27.96
N LEU D 295 -0.08 34.70 -26.97
CA LEU D 295 0.64 33.52 -26.51
C LEU D 295 -0.33 32.37 -26.34
N ALA D 296 -0.07 31.29 -27.06
CA ALA D 296 -0.81 30.04 -26.92
C ALA D 296 0.13 28.89 -27.25
N LYS D 297 0.76 28.33 -26.23
CA LYS D 297 1.65 27.18 -26.41
C LYS D 297 1.01 25.95 -25.76
N ALA D 298 1.21 24.80 -26.38
CA ALA D 298 0.64 23.55 -25.89
C ALA D 298 1.71 22.47 -25.90
N TYR D 299 1.84 21.79 -24.76
CA TYR D 299 2.79 20.70 -24.59
C TYR D 299 2.03 19.42 -24.27
N VAL D 300 2.41 18.34 -24.93
CA VAL D 300 1.77 17.04 -24.77
C VAL D 300 2.78 16.00 -24.28
N ILE D 301 2.34 15.14 -23.36
CA ILE D 301 3.06 13.90 -23.03
C ILE D 301 2.10 12.78 -23.38
N ASN D 302 2.59 11.77 -24.08
CA ASN D 302 1.73 10.71 -24.61
C ASN D 302 2.34 9.32 -24.43
N ASN D 303 1.90 8.64 -23.37
CA ASN D 303 2.33 7.27 -23.07
C ASN D 303 1.24 6.25 -23.37
N GLU D 304 0.17 6.69 -24.05
CA GLU D 304 -0.96 5.80 -24.36
C GLU D 304 -1.33 5.78 -25.85
N GLY D 305 -0.41 6.21 -26.70
CA GLY D 305 -0.59 6.14 -28.15
C GLY D 305 -1.83 6.80 -28.72
N ILE D 306 -2.37 7.81 -28.03
CA ILE D 306 -3.56 8.49 -28.54
C ILE D 306 -3.20 9.43 -29.68
N GLU D 307 -4.22 9.83 -30.44
CA GLU D 307 -4.03 10.70 -31.61
C GLU D 307 -3.54 12.09 -31.22
N GLY D 311 1.52 18.99 -35.95
CA GLY D 311 2.65 19.80 -35.49
C GLY D 311 2.58 20.21 -34.03
N VAL D 312 2.16 19.29 -33.18
CA VAL D 312 2.02 19.55 -31.74
C VAL D 312 3.32 19.20 -31.01
N THR D 313 3.72 20.04 -30.05
CA THR D 313 4.94 19.76 -29.28
C THR D 313 4.75 18.62 -28.28
N VAL D 314 5.40 17.49 -28.56
CA VAL D 314 5.36 16.32 -27.69
C VAL D 314 6.68 16.20 -26.92
N LEU D 315 6.57 16.03 -25.60
CA LEU D 315 7.73 15.87 -24.73
C LEU D 315 7.76 14.46 -24.15
N SER D 316 8.95 14.02 -23.77
CA SER D 316 9.15 12.67 -23.25
C SER D 316 8.74 12.52 -21.79
N THR D 317 9.13 13.47 -20.96
CA THR D 317 9.00 13.35 -19.51
C THR D 317 8.45 14.61 -18.86
N VAL D 318 7.92 14.46 -17.65
CA VAL D 318 7.39 15.60 -16.88
C VAL D 318 8.52 16.57 -16.52
N GLU D 319 9.71 16.03 -16.31
CA GLU D 319 10.89 16.89 -16.04
C GLU D 319 11.16 17.81 -17.24
N ASP D 320 11.05 17.26 -18.45
CA ASP D 320 11.18 18.06 -19.68
C ASP D 320 10.08 19.12 -19.77
N LEU D 321 8.86 18.75 -19.39
CA LEU D 321 7.75 19.70 -19.35
C LEU D 321 8.03 20.86 -18.40
N VAL D 322 8.48 20.53 -17.19
CA VAL D 322 8.80 21.55 -16.18
C VAL D 322 9.86 22.53 -16.70
N VAL D 323 10.90 22.00 -17.32
CA VAL D 323 11.97 22.85 -17.88
C VAL D 323 11.44 23.76 -18.98
N LYS D 324 10.56 23.24 -19.83
CA LYS D 324 9.90 24.07 -20.86
C LYS D 324 9.01 25.16 -20.27
N LEU D 325 8.27 24.84 -19.22
CA LEU D 325 7.36 25.82 -18.60
C LEU D 325 8.11 26.93 -17.87
N GLU D 326 9.32 26.63 -17.41
CA GLU D 326 10.13 27.62 -16.69
C GLU D 326 10.68 28.69 -17.62
N GLU D 327 10.73 28.38 -18.92
CA GLU D 327 11.08 29.35 -19.95
C GLU D 327 10.01 30.43 -20.01
#